data_5IZ8
#
_entry.id   5IZ8
#
_cell.length_a   114.073
_cell.length_b   114.073
_cell.length_c   308.295
_cell.angle_alpha   90.00
_cell.angle_beta   90.00
_cell.angle_gamma   120.00
#
_symmetry.space_group_name_H-M   'P 65 2 2'
#
loop_
_entity.id
_entity.type
_entity.pdbx_description
1 polymer 'Adenomatous polyposis coli protein'
2 polymer ACE-ALA-GLY-GLU-ALA-LEU-ALA-ASP-NH2
3 non-polymer 'TRIETHYLENE GLYCOL'
4 water water
#
loop_
_entity_poly.entity_id
_entity_poly.type
_entity_poly.pdbx_seq_one_letter_code
_entity_poly.pdbx_strand_id
1 'polypeptide(L)'
;MGHHHHHHMLHLLEQIRAYCETCWEWQEAHEPGMDQDKNPMPAPVEHQICPAVCVLMKLSFDEEHRHAMNELGGLQAIAE
LLQVDCEMYGLTNDHYSITLRRYAGMALTNLTFGDVANKATLCSMKGCMRALVAQLKSESEDLQQVIASVLRNLSWRADV
NSKKTLREVGSVKALMECALEVKKESTLKSVLSALWNLSAHCTENKADICAVDGALAFLVGTLTYRSQTNTLAIIESGGG
ILRNVSSLIATNEDHRQILRENNCLQTLLQHLKSHSLTIVSNACGTLWNLSARNPKDQEALWDMGAVSMLKNLIHSKHKM
IAMGSAAALRNLMANRPAKYKDANIMSPGSSLPS
;
A,B
2 'polypeptide(L)' (ACE)AGEALAD(NH2) C,D
#
loop_
_chem_comp.id
_chem_comp.type
_chem_comp.name
_chem_comp.formula
ACE non-polymer 'ACETYL GROUP' 'C2 H4 O'
NH2 non-polymer 'AMINO GROUP' 'H2 N'
PGE non-polymer 'TRIETHYLENE GLYCOL' 'C6 H14 O4'
#
# COMPACT_ATOMS: atom_id res chain seq x y z
N HIS A 4 24.13 0.22 -30.41
CA HIS A 4 24.01 -0.94 -29.47
C HIS A 4 22.56 -1.16 -29.02
N HIS A 5 22.15 -0.43 -27.96
CA HIS A 5 20.94 -0.74 -27.17
C HIS A 5 19.67 -0.52 -27.97
N HIS A 6 18.75 -1.48 -27.94
CA HIS A 6 17.57 -1.38 -28.82
C HIS A 6 16.46 -0.40 -28.48
N HIS A 7 16.43 0.07 -27.23
CA HIS A 7 15.26 0.79 -26.69
C HIS A 7 13.87 0.34 -27.24
N HIS A 8 13.62 -0.97 -27.13
CA HIS A 8 12.38 -1.59 -27.63
C HIS A 8 11.12 -0.96 -27.10
N MET A 9 11.19 -0.61 -25.83
CA MET A 9 10.06 -0.12 -25.10
C MET A 9 9.82 1.32 -25.44
N LEU A 10 10.91 2.08 -25.47
CA LEU A 10 10.85 3.44 -25.94
C LEU A 10 10.19 3.53 -27.31
N HIS A 11 10.58 2.67 -28.23
CA HIS A 11 10.01 2.69 -29.58
C HIS A 11 8.53 2.35 -29.60
N LEU A 12 8.10 1.45 -28.74
CA LEU A 12 6.66 1.21 -28.57
C LEU A 12 5.90 2.44 -28.05
N LEU A 13 6.44 3.10 -27.05
CA LEU A 13 5.81 4.29 -26.52
C LEU A 13 5.78 5.45 -27.49
N GLU A 14 6.81 5.55 -28.34
CA GLU A 14 6.85 6.61 -29.35
C GLU A 14 5.77 6.45 -30.38
N GLN A 15 5.51 5.21 -30.77
CA GLN A 15 4.42 4.95 -31.68
C GLN A 15 3.10 5.41 -31.11
N ILE A 16 2.92 5.13 -29.84
CA ILE A 16 1.67 5.40 -29.17
C ILE A 16 1.49 6.89 -29.02
N ARG A 17 2.57 7.56 -28.60
CA ARG A 17 2.56 9.01 -28.50
C ARG A 17 2.26 9.69 -29.83
N ALA A 18 2.93 9.22 -30.89
CA ALA A 18 2.69 9.73 -32.24
C ALA A 18 1.23 9.63 -32.70
N TYR A 19 0.65 8.44 -32.55
CA TYR A 19 -0.75 8.19 -32.91
C TYR A 19 -1.70 9.16 -32.17
N CYS A 20 -1.44 9.38 -30.89
CA CYS A 20 -2.24 10.32 -30.12
C CYS A 20 -2.15 11.75 -30.63
N GLU A 21 -0.95 12.17 -31.01
CA GLU A 21 -0.75 13.50 -31.57
C GLU A 21 -1.61 13.66 -32.82
N THR A 22 -1.60 12.65 -33.67
CA THR A 22 -2.40 12.65 -34.87
C THR A 22 -3.88 12.71 -34.56
N CYS A 23 -4.32 12.02 -33.52
CA CYS A 23 -5.74 12.03 -33.14
C CYS A 23 -6.12 13.39 -32.60
N TRP A 24 -5.35 13.89 -31.64
CA TRP A 24 -5.47 15.27 -31.18
C TRP A 24 -5.57 16.30 -32.33
N GLU A 25 -4.72 16.17 -33.35
CA GLU A 25 -4.74 17.08 -34.51
C GLU A 25 -6.06 16.97 -35.27
N TRP A 26 -6.55 15.75 -35.42
CA TRP A 26 -7.84 15.52 -36.05
C TRP A 26 -8.97 16.10 -35.19
N GLN A 27 -8.92 15.93 -33.87
CA GLN A 27 -9.94 16.50 -32.98
C GLN A 27 -10.03 18.01 -33.04
N GLU A 28 -8.89 18.66 -33.23
CA GLU A 28 -8.82 20.12 -33.23
C GLU A 28 -9.42 20.68 -34.52
N ALA A 29 -9.21 19.98 -35.61
CA ALA A 29 -9.84 20.33 -36.85
C ALA A 29 -11.33 20.01 -36.89
N HIS A 30 -11.68 18.78 -36.52
CA HIS A 30 -13.08 18.34 -36.58
C HIS A 30 -13.94 18.54 -35.37
N GLU A 31 -14.08 19.78 -34.96
CA GLU A 31 -14.92 20.08 -33.84
C GLU A 31 -16.32 20.25 -34.38
N PRO A 32 -17.29 20.46 -33.49
CA PRO A 32 -18.70 20.69 -33.85
C PRO A 32 -18.97 21.92 -34.72
N GLY A 33 -18.35 23.07 -34.42
CA GLY A 33 -18.54 24.23 -35.27
C GLY A 33 -17.45 23.83 -36.22
N MET A 34 -17.86 23.29 -37.36
CA MET A 34 -16.89 22.70 -38.24
C MET A 34 -16.55 23.12 -39.64
N ASP A 35 -15.29 22.86 -39.95
CA ASP A 35 -14.66 23.14 -41.26
C ASP A 35 -14.80 21.86 -42.13
N GLN A 36 -14.10 21.74 -43.25
CA GLN A 36 -14.26 20.58 -44.16
C GLN A 36 -13.99 19.19 -43.54
N ASP A 37 -14.76 18.19 -43.99
CA ASP A 37 -14.57 16.75 -43.71
C ASP A 37 -13.82 16.05 -44.87
N LYS A 38 -12.87 16.79 -45.47
CA LYS A 38 -11.97 16.28 -46.52
C LYS A 38 -10.78 15.54 -45.87
N ASN A 39 -10.77 15.47 -44.54
CA ASN A 39 -9.84 14.66 -43.76
C ASN A 39 -10.61 13.75 -42.78
N PRO A 40 -10.86 12.47 -43.17
CA PRO A 40 -11.44 11.50 -42.22
C PRO A 40 -10.44 11.02 -41.16
N MET A 41 -10.97 10.45 -40.08
CA MET A 41 -10.19 10.13 -38.86
C MET A 41 -9.02 9.22 -39.01
N PRO A 42 -8.07 9.28 -38.06
CA PRO A 42 -7.10 8.19 -37.98
C PRO A 42 -7.81 6.96 -37.43
N ALA A 43 -7.51 5.79 -38.00
CA ALA A 43 -8.07 4.54 -37.52
C ALA A 43 -6.94 3.73 -36.88
N PRO A 44 -7.19 3.12 -35.70
CA PRO A 44 -6.09 2.49 -34.99
C PRO A 44 -5.49 1.27 -35.72
N VAL A 45 -6.33 0.55 -36.46
CA VAL A 45 -5.88 -0.55 -37.33
C VAL A 45 -4.84 -0.10 -38.38
N GLU A 46 -5.02 1.09 -38.93
CA GLU A 46 -4.13 1.64 -39.95
C GLU A 46 -2.74 2.06 -39.45
N HIS A 47 -2.54 2.17 -38.13
CA HIS A 47 -1.22 2.48 -37.55
C HIS A 47 -0.70 1.40 -36.57
N GLN A 48 -1.19 0.16 -36.67
CA GLN A 48 -0.70 -0.99 -35.87
C GLN A 48 -0.70 -0.73 -34.35
N ILE A 49 -1.75 -0.09 -33.87
CA ILE A 49 -1.81 0.31 -32.48
C ILE A 49 -2.07 -0.87 -31.52
N CYS A 50 -2.96 -1.79 -31.87
CA CYS A 50 -3.17 -3.00 -31.03
C CYS A 50 -1.84 -3.70 -30.74
N PRO A 51 -1.10 -4.10 -31.78
CA PRO A 51 0.19 -4.75 -31.57
C PRO A 51 1.05 -4.08 -30.53
N ALA A 52 1.19 -2.75 -30.63
CA ALA A 52 2.09 -2.02 -29.78
C ALA A 52 1.60 -1.98 -28.34
N VAL A 53 0.32 -1.63 -28.18
CA VAL A 53 -0.29 -1.62 -26.85
C VAL A 53 -0.35 -3.03 -26.26
N CYS A 54 -0.63 -4.01 -27.09
CA CYS A 54 -0.59 -5.39 -26.71
C CYS A 54 0.74 -5.83 -26.13
N VAL A 55 1.82 -5.48 -26.81
CA VAL A 55 3.15 -5.84 -26.32
C VAL A 55 3.46 -5.12 -25.00
N LEU A 56 3.06 -3.85 -24.91
CA LEU A 56 3.23 -3.10 -23.67
C LEU A 56 2.42 -3.70 -22.52
N MET A 57 1.18 -4.08 -22.80
CA MET A 57 0.33 -4.78 -21.84
C MET A 57 1.05 -6.02 -21.34
N LYS A 58 1.48 -6.87 -22.26
CA LYS A 58 2.22 -8.08 -21.91
C LYS A 58 3.40 -7.86 -20.99
N LEU A 59 4.25 -6.93 -21.38
CA LEU A 59 5.44 -6.60 -20.60
C LEU A 59 5.10 -6.06 -19.22
N SER A 60 3.92 -5.44 -19.08
CA SER A 60 3.53 -4.77 -17.83
C SER A 60 3.25 -5.71 -16.66
N PHE A 61 2.97 -6.97 -16.94
CA PHE A 61 2.87 -7.98 -15.89
C PHE A 61 4.13 -8.11 -15.06
N ASP A 62 5.28 -8.03 -15.71
CA ASP A 62 6.57 -8.18 -15.06
C ASP A 62 6.92 -6.87 -14.37
N GLU A 63 7.46 -6.94 -13.17
CA GLU A 63 7.75 -5.75 -12.41
C GLU A 63 8.95 -4.97 -12.91
N GLU A 64 9.96 -5.66 -13.41
CA GLU A 64 11.15 -4.98 -13.93
C GLU A 64 10.79 -4.08 -15.09
N HIS A 65 9.98 -4.61 -15.98
CA HIS A 65 9.50 -3.87 -17.11
C HIS A 65 8.68 -2.69 -16.69
N ARG A 66 7.83 -2.87 -15.68
CA ARG A 66 7.05 -1.75 -15.17
C ARG A 66 7.97 -0.61 -14.72
N HIS A 67 9.05 -0.94 -14.04
CA HIS A 67 9.97 0.07 -13.57
C HIS A 67 10.55 0.85 -14.75
N ALA A 68 10.89 0.13 -15.80
CA ALA A 68 11.42 0.73 -17.01
C ALA A 68 10.40 1.63 -17.75
N MET A 69 9.14 1.17 -17.83
CA MET A 69 8.06 2.01 -18.37
C MET A 69 7.85 3.27 -17.58
N ASN A 70 7.98 3.16 -16.26
CA ASN A 70 7.72 4.27 -15.39
C ASN A 70 8.74 5.38 -15.57
N GLU A 71 9.97 4.98 -15.89
CA GLU A 71 11.00 5.96 -16.27
C GLU A 71 10.70 6.62 -17.62
N LEU A 72 10.11 5.88 -18.54
CA LEU A 72 9.70 6.40 -19.85
C LEU A 72 8.30 7.06 -19.92
N GLY A 73 7.60 7.18 -18.79
CA GLY A 73 6.26 7.76 -18.77
C GLY A 73 5.19 6.94 -19.49
N GLY A 74 5.22 5.63 -19.29
CA GLY A 74 4.31 4.73 -19.97
C GLY A 74 2.88 4.83 -19.55
N LEU A 75 2.66 5.16 -18.29
CA LEU A 75 1.31 5.30 -17.79
C LEU A 75 0.54 6.43 -18.51
N GLN A 76 1.13 7.63 -18.57
CA GLN A 76 0.53 8.78 -19.27
C GLN A 76 0.20 8.37 -20.70
N ALA A 77 1.18 7.79 -21.37
CA ALA A 77 1.01 7.48 -22.79
C ALA A 77 -0.17 6.56 -23.04
N ILE A 78 -0.25 5.49 -22.25
CA ILE A 78 -1.29 4.49 -22.43
C ILE A 78 -2.64 5.07 -22.00
N ALA A 79 -2.66 5.86 -20.94
CA ALA A 79 -3.90 6.48 -20.50
C ALA A 79 -4.42 7.46 -21.56
N GLU A 80 -3.52 8.28 -22.10
CA GLU A 80 -3.84 9.18 -23.24
C GLU A 80 -4.41 8.44 -24.44
N LEU A 81 -3.82 7.31 -24.79
CA LEU A 81 -4.33 6.51 -25.88
C LEU A 81 -5.75 6.02 -25.62
N LEU A 82 -6.00 5.54 -24.42
CA LEU A 82 -7.32 5.02 -24.08
C LEU A 82 -8.32 6.14 -24.16
N GLN A 83 -7.99 7.27 -23.53
CA GLN A 83 -8.88 8.41 -23.52
C GLN A 83 -9.29 8.81 -24.91
N VAL A 84 -8.31 8.94 -25.79
CA VAL A 84 -8.57 9.49 -27.11
C VAL A 84 -9.42 8.53 -27.95
N ASP A 85 -9.17 7.22 -27.86
CA ASP A 85 -10.00 6.29 -28.63
C ASP A 85 -11.44 6.32 -28.14
N CYS A 86 -11.65 6.48 -26.84
CA CYS A 86 -13.01 6.69 -26.31
C CYS A 86 -13.65 7.98 -26.81
N GLU A 87 -12.97 9.10 -26.62
CA GLU A 87 -13.49 10.39 -27.05
C GLU A 87 -13.80 10.46 -28.56
N MET A 88 -13.13 9.65 -29.38
CA MET A 88 -13.29 9.69 -30.83
C MET A 88 -14.40 8.79 -31.31
N TYR A 89 -14.45 7.57 -30.79
CA TYR A 89 -15.36 6.54 -31.32
C TYR A 89 -16.47 6.18 -30.34
N GLY A 90 -16.55 6.85 -29.18
CA GLY A 90 -17.67 6.67 -28.28
C GLY A 90 -17.80 5.26 -27.75
N LEU A 91 -19.05 4.83 -27.56
CA LEU A 91 -19.35 3.49 -27.06
C LEU A 91 -19.52 2.59 -28.25
N THR A 92 -18.42 2.42 -28.97
CA THR A 92 -18.36 1.59 -30.15
C THR A 92 -18.42 0.12 -29.81
N ASN A 93 -18.67 -0.66 -30.86
CA ASN A 93 -18.59 -2.11 -30.81
C ASN A 93 -17.48 -2.69 -31.66
N ASP A 94 -16.80 -1.85 -32.45
CA ASP A 94 -15.68 -2.26 -33.30
C ASP A 94 -14.70 -3.13 -32.51
N HIS A 95 -14.30 -4.26 -33.08
CA HIS A 95 -13.44 -5.21 -32.36
C HIS A 95 -12.06 -4.62 -32.08
N TYR A 96 -11.54 -3.85 -33.04
CA TYR A 96 -10.22 -3.24 -32.89
C TYR A 96 -10.22 -2.24 -31.74
N SER A 97 -11.19 -1.32 -31.71
CA SER A 97 -11.31 -0.37 -30.60
C SER A 97 -11.51 -1.03 -29.24
N ILE A 98 -12.31 -2.09 -29.19
CA ILE A 98 -12.54 -2.80 -27.93
C ILE A 98 -11.29 -3.54 -27.47
N THR A 99 -10.59 -4.20 -28.38
CA THR A 99 -9.35 -4.87 -28.05
C THR A 99 -8.26 -3.88 -27.59
N LEU A 100 -8.09 -2.81 -28.34
CA LEU A 100 -7.18 -1.71 -27.97
C LEU A 100 -7.49 -1.22 -26.58
N ARG A 101 -8.77 -0.97 -26.33
CA ARG A 101 -9.20 -0.44 -25.02
C ARG A 101 -8.93 -1.42 -23.88
N ARG A 102 -9.16 -2.70 -24.13
CA ARG A 102 -8.88 -3.74 -23.15
C ARG A 102 -7.40 -3.80 -22.77
N TYR A 103 -6.55 -3.91 -23.79
CA TYR A 103 -5.10 -3.99 -23.61
C TYR A 103 -4.57 -2.76 -22.92
N ALA A 104 -5.00 -1.61 -23.37
CA ALA A 104 -4.67 -0.37 -22.71
C ALA A 104 -5.06 -0.44 -21.22
N GLY A 105 -6.29 -0.84 -20.93
CA GLY A 105 -6.78 -0.97 -19.57
C GLY A 105 -6.02 -1.97 -18.70
N MET A 106 -5.69 -3.11 -19.28
CA MET A 106 -4.90 -4.10 -18.56
C MET A 106 -3.52 -3.57 -18.17
N ALA A 107 -2.87 -2.91 -19.12
CA ALA A 107 -1.62 -2.20 -18.84
C ALA A 107 -1.78 -1.21 -17.70
N LEU A 108 -2.89 -0.49 -17.68
CA LEU A 108 -3.14 0.46 -16.62
C LEU A 108 -3.44 -0.23 -15.30
N THR A 109 -4.13 -1.36 -15.34
CA THR A 109 -4.31 -2.16 -14.14
C THR A 109 -2.92 -2.51 -13.58
N ASN A 110 -2.05 -3.08 -14.41
CA ASN A 110 -0.73 -3.49 -13.97
C ASN A 110 0.13 -2.32 -13.50
N LEU A 111 0.02 -1.18 -14.15
CA LEU A 111 0.87 -0.04 -13.79
C LEU A 111 0.46 0.66 -12.51
N THR A 112 -0.84 0.57 -12.18
CA THR A 112 -1.37 1.08 -10.91
C THR A 112 -1.24 0.11 -9.74
N PHE A 113 -1.15 -1.18 -10.03
CA PHE A 113 -0.86 -2.21 -9.02
C PHE A 113 0.39 -1.95 -8.18
N GLY A 114 0.18 -1.76 -6.89
CA GLY A 114 1.28 -1.60 -5.94
C GLY A 114 2.08 -0.29 -6.03
N ASP A 115 1.64 0.65 -6.87
CA ASP A 115 2.40 1.85 -7.15
C ASP A 115 1.55 3.05 -6.78
N VAL A 116 1.95 3.78 -5.73
CA VAL A 116 1.12 4.89 -5.24
C VAL A 116 1.18 6.07 -6.19
N ALA A 117 2.39 6.40 -6.66
CA ALA A 117 2.56 7.52 -7.57
C ALA A 117 1.70 7.40 -8.84
N ASN A 118 1.59 6.19 -9.37
CA ASN A 118 0.78 5.97 -10.56
C ASN A 118 -0.70 6.03 -10.35
N LYS A 119 -1.17 5.53 -9.21
CA LYS A 119 -2.58 5.65 -8.83
C LYS A 119 -2.97 7.13 -8.77
N ALA A 120 -2.16 7.90 -8.04
CA ALA A 120 -2.33 9.35 -7.94
C ALA A 120 -2.36 10.02 -9.31
N THR A 121 -1.42 9.63 -10.15
CA THR A 121 -1.24 10.25 -11.46
C THR A 121 -2.39 9.97 -12.38
N LEU A 122 -2.78 8.71 -12.47
CA LEU A 122 -3.90 8.34 -13.32
C LEU A 122 -5.17 9.04 -12.86
N CYS A 123 -5.42 9.07 -11.55
CA CYS A 123 -6.58 9.80 -11.02
C CYS A 123 -6.55 11.29 -11.33
N SER A 124 -5.36 11.88 -11.40
CA SER A 124 -5.25 13.29 -11.77
C SER A 124 -5.67 13.56 -13.23
N MET A 125 -5.58 12.56 -14.09
CA MET A 125 -6.01 12.68 -15.47
C MET A 125 -7.51 12.54 -15.60
N LYS A 126 -8.22 13.65 -15.52
CA LYS A 126 -9.69 13.62 -15.32
C LYS A 126 -10.47 13.26 -16.56
N GLY A 127 -10.00 13.68 -17.72
CA GLY A 127 -10.62 13.28 -18.97
C GLY A 127 -10.54 11.79 -19.24
N CYS A 128 -9.50 11.17 -18.71
CA CYS A 128 -9.30 9.73 -18.83
C CYS A 128 -10.18 8.99 -17.84
N MET A 129 -10.22 9.50 -16.61
CA MET A 129 -11.08 8.95 -15.59
C MET A 129 -12.53 8.90 -16.05
N ARG A 130 -13.00 9.97 -16.68
CA ARG A 130 -14.35 9.99 -17.25
C ARG A 130 -14.54 8.96 -18.35
N ALA A 131 -13.53 8.83 -19.20
CA ALA A 131 -13.58 7.85 -20.28
C ALA A 131 -13.65 6.43 -19.75
N LEU A 132 -12.89 6.15 -18.69
CA LEU A 132 -12.88 4.82 -18.05
C LEU A 132 -14.27 4.49 -17.54
N VAL A 133 -14.81 5.38 -16.71
CA VAL A 133 -16.13 5.21 -16.12
C VAL A 133 -17.21 5.00 -17.17
N ALA A 134 -17.15 5.73 -18.28
CA ALA A 134 -18.11 5.55 -19.35
C ALA A 134 -18.03 4.16 -20.01
N GLN A 135 -16.88 3.51 -19.95
CA GLN A 135 -16.73 2.21 -20.57
C GLN A 135 -17.45 1.07 -19.84
N LEU A 136 -17.93 1.32 -18.61
CA LEU A 136 -18.71 0.32 -17.89
C LEU A 136 -20.01 0.02 -18.64
N LYS A 137 -20.51 1.02 -19.37
CA LYS A 137 -21.64 0.87 -20.29
C LYS A 137 -21.33 0.18 -21.64
N SER A 138 -20.09 -0.28 -21.88
CA SER A 138 -19.76 -1.02 -23.10
C SER A 138 -20.55 -2.31 -23.16
N GLU A 139 -20.74 -2.85 -24.36
CA GLU A 139 -21.28 -4.21 -24.51
C GLU A 139 -20.26 -5.31 -24.29
N SER A 140 -18.96 -4.98 -24.28
CA SER A 140 -17.96 -5.99 -23.95
C SER A 140 -17.90 -6.05 -22.45
N GLU A 141 -18.38 -7.15 -21.88
CA GLU A 141 -18.18 -7.40 -20.47
C GLU A 141 -16.71 -7.69 -20.20
N ASP A 142 -15.97 -8.15 -21.22
CA ASP A 142 -14.52 -8.33 -21.08
C ASP A 142 -13.84 -6.99 -20.86
N LEU A 143 -14.31 -5.96 -21.54
CA LEU A 143 -13.82 -4.59 -21.33
C LEU A 143 -14.23 -4.07 -19.97
N GLN A 144 -15.50 -4.27 -19.60
CA GLN A 144 -16.00 -3.87 -18.26
C GLN A 144 -15.19 -4.48 -17.14
N GLN A 145 -14.81 -5.74 -17.34
CA GLN A 145 -14.01 -6.49 -16.41
C GLN A 145 -12.68 -5.78 -16.22
N VAL A 146 -12.09 -5.34 -17.32
CA VAL A 146 -10.83 -4.59 -17.28
C VAL A 146 -11.02 -3.24 -16.57
N ILE A 147 -12.06 -2.49 -16.93
CA ILE A 147 -12.21 -1.14 -16.40
C ILE A 147 -12.39 -1.18 -14.88
N ALA A 148 -13.27 -2.08 -14.44
CA ALA A 148 -13.44 -2.38 -13.03
C ALA A 148 -12.11 -2.65 -12.35
N SER A 149 -11.28 -3.50 -12.98
CA SER A 149 -9.97 -3.85 -12.42
C SER A 149 -9.04 -2.66 -12.21
N VAL A 150 -9.14 -1.70 -13.12
CA VAL A 150 -8.41 -0.43 -12.99
C VAL A 150 -8.95 0.31 -11.78
N LEU A 151 -10.27 0.47 -11.75
CA LEU A 151 -10.94 1.23 -10.69
C LEU A 151 -10.67 0.62 -9.32
N ARG A 152 -10.74 -0.70 -9.24
CA ARG A 152 -10.33 -1.43 -8.07
C ARG A 152 -8.96 -1.01 -7.52
N ASN A 153 -7.94 -0.98 -8.37
CA ASN A 153 -6.59 -0.65 -7.92
C ASN A 153 -6.42 0.81 -7.57
N LEU A 154 -7.17 1.67 -8.25
CA LEU A 154 -7.15 3.10 -7.95
C LEU A 154 -7.75 3.39 -6.58
N SER A 155 -8.83 2.69 -6.29
CA SER A 155 -9.54 2.81 -5.03
C SER A 155 -8.83 2.11 -3.85
N TRP A 156 -7.86 1.24 -4.13
CA TRP A 156 -7.09 0.60 -3.06
C TRP A 156 -5.99 1.53 -2.57
N ARG A 157 -6.14 1.98 -1.33
CA ARG A 157 -5.20 2.93 -0.72
C ARG A 157 -5.01 4.20 -1.52
N ALA A 158 -6.15 4.76 -1.91
CA ALA A 158 -6.20 6.04 -2.59
C ALA A 158 -5.88 7.16 -1.61
N ASP A 159 -4.95 8.05 -1.96
CA ASP A 159 -4.75 9.28 -1.18
C ASP A 159 -5.96 10.22 -1.28
N VAL A 160 -5.92 11.34 -0.58
CA VAL A 160 -7.09 12.21 -0.41
C VAL A 160 -7.67 12.63 -1.76
N ASN A 161 -6.82 13.11 -2.65
CA ASN A 161 -7.23 13.58 -4.00
C ASN A 161 -7.84 12.52 -4.86
N SER A 162 -7.24 11.35 -4.84
CA SER A 162 -7.69 10.23 -5.66
C SER A 162 -9.08 9.77 -5.26
N LYS A 163 -9.33 9.76 -3.95
CA LYS A 163 -10.64 9.45 -3.40
C LYS A 163 -11.67 10.42 -3.88
N LYS A 164 -11.37 11.71 -3.73
CA LYS A 164 -12.27 12.77 -4.15
C LYS A 164 -12.64 12.62 -5.61
N THR A 165 -11.63 12.44 -6.45
CA THR A 165 -11.81 12.29 -7.89
C THR A 165 -12.69 11.08 -8.23
N LEU A 166 -12.38 9.96 -7.62
CA LEU A 166 -13.13 8.73 -7.83
C LEU A 166 -14.62 8.91 -7.57
N ARG A 167 -14.95 9.67 -6.52
CA ARG A 167 -16.33 10.06 -6.19
C ARG A 167 -16.88 11.01 -7.25
N GLU A 168 -16.13 12.09 -7.50
CA GLU A 168 -16.53 13.15 -8.45
C GLU A 168 -16.83 12.67 -9.89
N VAL A 169 -16.12 11.66 -10.38
CA VAL A 169 -16.42 11.12 -11.73
C VAL A 169 -17.57 10.11 -11.78
N GLY A 170 -18.27 9.91 -10.65
CA GLY A 170 -19.43 9.03 -10.63
C GLY A 170 -19.13 7.54 -10.76
N SER A 171 -18.01 7.13 -10.16
CA SER A 171 -17.54 5.76 -10.30
C SER A 171 -18.41 4.76 -9.54
N VAL A 172 -18.77 5.12 -8.31
CA VAL A 172 -19.50 4.22 -7.41
C VAL A 172 -20.87 3.86 -8.01
N LYS A 173 -21.63 4.90 -8.36
CA LYS A 173 -22.97 4.73 -8.91
C LYS A 173 -22.95 3.97 -10.26
N ALA A 174 -21.87 4.12 -11.04
CA ALA A 174 -21.72 3.48 -12.36
C ALA A 174 -21.37 1.98 -12.28
N LEU A 175 -20.51 1.64 -11.32
CA LEU A 175 -20.17 0.26 -11.05
C LEU A 175 -21.34 -0.52 -10.49
N MET A 176 -22.08 0.10 -9.55
CA MET A 176 -23.25 -0.54 -8.95
C MET A 176 -24.32 -0.79 -10.02
N GLU A 177 -24.57 0.19 -10.88
CA GLU A 177 -25.46 -0.05 -12.02
C GLU A 177 -24.90 -1.10 -12.98
N CYS A 178 -23.58 -1.09 -13.18
CA CYS A 178 -22.91 -2.09 -14.01
C CYS A 178 -23.23 -3.50 -13.51
N ALA A 179 -22.94 -3.73 -12.23
CA ALA A 179 -23.19 -5.01 -11.51
C ALA A 179 -24.57 -5.65 -11.76
N LEU A 180 -25.62 -4.84 -11.70
CA LEU A 180 -26.98 -5.31 -11.92
C LEU A 180 -27.14 -5.97 -13.27
N GLU A 181 -26.50 -5.41 -14.30
CA GLU A 181 -26.64 -5.92 -15.68
C GLU A 181 -25.66 -7.04 -16.07
N VAL A 182 -24.60 -7.24 -15.30
CA VAL A 182 -23.53 -8.20 -15.64
C VAL A 182 -24.03 -9.64 -15.66
N LYS A 183 -23.73 -10.37 -16.74
CA LYS A 183 -24.10 -11.78 -16.87
C LYS A 183 -22.97 -12.79 -16.60
N LYS A 184 -21.72 -12.37 -16.65
CA LYS A 184 -20.59 -13.27 -16.51
C LYS A 184 -19.92 -13.11 -15.15
N GLU A 185 -19.43 -14.22 -14.59
CA GLU A 185 -18.93 -14.19 -13.22
C GLU A 185 -17.62 -13.40 -13.05
N SER A 186 -16.68 -13.61 -13.99
CA SER A 186 -15.37 -12.94 -13.97
C SER A 186 -15.50 -11.43 -13.94
N THR A 187 -16.37 -10.92 -14.81
CA THR A 187 -16.72 -9.50 -14.84
C THR A 187 -17.19 -9.03 -13.47
N LEU A 188 -18.25 -9.69 -12.97
CA LEU A 188 -18.88 -9.35 -11.69
C LEU A 188 -17.88 -9.40 -10.53
N LYS A 189 -16.94 -10.35 -10.54
CA LYS A 189 -15.93 -10.40 -9.51
C LYS A 189 -15.17 -9.06 -9.39
N SER A 190 -14.76 -8.51 -10.53
CA SER A 190 -13.97 -7.25 -10.55
C SER A 190 -14.81 -6.04 -10.20
N VAL A 191 -15.98 -5.95 -10.81
CA VAL A 191 -16.97 -4.92 -10.47
C VAL A 191 -17.19 -4.82 -8.95
N LEU A 192 -17.44 -5.96 -8.32
CA LEU A 192 -17.69 -6.00 -6.89
C LEU A 192 -16.44 -5.73 -6.07
N SER A 193 -15.31 -6.26 -6.52
CA SER A 193 -14.03 -5.99 -5.84
C SER A 193 -13.74 -4.48 -5.78
N ALA A 194 -14.07 -3.78 -6.86
CA ALA A 194 -13.90 -2.32 -6.93
C ALA A 194 -14.82 -1.60 -5.98
N LEU A 195 -16.11 -1.97 -6.04
CA LEU A 195 -17.12 -1.46 -5.10
C LEU A 195 -16.75 -1.72 -3.63
N TRP A 196 -16.26 -2.92 -3.32
CA TRP A 196 -15.83 -3.25 -1.98
C TRP A 196 -14.79 -2.21 -1.51
N ASN A 197 -13.75 -1.99 -2.30
CA ASN A 197 -12.74 -1.00 -1.95
C ASN A 197 -13.33 0.40 -1.78
N LEU A 198 -14.21 0.76 -2.70
CA LEU A 198 -14.77 2.11 -2.76
C LEU A 198 -15.74 2.41 -1.62
N SER A 199 -16.52 1.41 -1.24
CA SER A 199 -17.45 1.51 -0.13
C SER A 199 -16.74 1.82 1.21
N ALA A 200 -15.49 1.43 1.35
CA ALA A 200 -14.74 1.78 2.55
C ALA A 200 -14.35 3.26 2.70
N HIS A 201 -14.55 4.08 1.66
CA HIS A 201 -13.88 5.41 1.60
C HIS A 201 -14.53 6.48 2.48
N CYS A 202 -15.85 6.58 2.36
CA CYS A 202 -16.59 7.69 2.92
C CYS A 202 -18.10 7.38 2.95
N THR A 203 -18.83 8.22 3.64
CA THR A 203 -20.26 8.03 3.76
C THR A 203 -20.96 8.14 2.41
N GLU A 204 -20.53 9.11 1.60
CA GLU A 204 -21.20 9.43 0.33
C GLU A 204 -21.20 8.22 -0.60
N ASN A 205 -20.11 7.47 -0.59
CA ASN A 205 -20.00 6.27 -1.41
C ASN A 205 -20.96 5.19 -0.91
N LYS A 206 -21.02 5.01 0.41
CA LYS A 206 -22.00 4.07 1.00
C LYS A 206 -23.42 4.47 0.62
N ALA A 207 -23.73 5.76 0.83
CA ALA A 207 -25.00 6.35 0.44
C ALA A 207 -25.35 6.16 -1.03
N ASP A 208 -24.38 6.41 -1.91
CA ASP A 208 -24.60 6.27 -3.36
C ASP A 208 -24.86 4.84 -3.81
N ILE A 209 -24.30 3.86 -3.09
CA ILE A 209 -24.53 2.44 -3.39
C ILE A 209 -25.97 2.06 -3.07
N CYS A 210 -26.39 2.34 -1.83
CA CYS A 210 -27.73 2.03 -1.34
C CYS A 210 -28.81 2.70 -2.17
N ALA A 211 -28.49 3.90 -2.65
CA ALA A 211 -29.40 4.70 -3.43
C ALA A 211 -29.69 4.24 -4.87
N VAL A 212 -29.21 3.07 -5.28
CA VAL A 212 -29.45 2.60 -6.66
C VAL A 212 -30.60 1.59 -6.67
N ASP A 213 -31.50 1.70 -7.64
CA ASP A 213 -32.69 0.84 -7.70
C ASP A 213 -32.33 -0.61 -7.98
N GLY A 214 -32.49 -1.44 -6.95
CA GLY A 214 -32.19 -2.87 -7.03
C GLY A 214 -30.92 -3.24 -6.29
N ALA A 215 -30.25 -2.23 -5.73
CA ALA A 215 -28.90 -2.40 -5.27
C ALA A 215 -28.84 -3.34 -4.08
N LEU A 216 -29.54 -2.96 -3.00
CA LEU A 216 -29.52 -3.72 -1.77
C LEU A 216 -30.15 -5.11 -1.98
N ALA A 217 -31.21 -5.16 -2.78
CA ALA A 217 -31.78 -6.46 -3.19
C ALA A 217 -30.72 -7.36 -3.81
N PHE A 218 -30.03 -6.83 -4.83
CA PHE A 218 -28.95 -7.55 -5.55
C PHE A 218 -27.84 -8.01 -4.61
N LEU A 219 -27.35 -7.08 -3.79
CA LEU A 219 -26.27 -7.36 -2.83
C LEU A 219 -26.57 -8.48 -1.85
N VAL A 220 -27.80 -8.52 -1.34
CA VAL A 220 -28.24 -9.60 -0.44
C VAL A 220 -28.28 -10.90 -1.23
N GLY A 221 -28.80 -10.83 -2.45
CA GLY A 221 -28.76 -11.95 -3.40
C GLY A 221 -27.39 -12.57 -3.67
N THR A 222 -26.32 -11.76 -3.66
CA THR A 222 -24.95 -12.27 -3.81
C THR A 222 -24.51 -13.18 -2.67
N LEU A 223 -25.10 -13.00 -1.49
CA LEU A 223 -24.78 -13.81 -0.31
C LEU A 223 -25.17 -15.29 -0.48
N THR A 224 -26.07 -15.58 -1.42
CA THR A 224 -26.44 -16.95 -1.77
C THR A 224 -26.19 -17.24 -3.25
N TYR A 225 -25.06 -16.72 -3.73
CA TYR A 225 -24.66 -16.88 -5.12
C TYR A 225 -24.15 -18.31 -5.32
N ARG A 226 -24.60 -18.95 -6.41
CA ARG A 226 -24.25 -20.33 -6.79
C ARG A 226 -23.17 -20.19 -7.86
N SER A 227 -21.94 -20.54 -7.52
CA SER A 227 -20.82 -20.47 -8.46
C SER A 227 -20.57 -21.80 -9.18
N GLN A 228 -20.54 -21.78 -10.50
CA GLN A 228 -19.97 -22.87 -11.29
C GLN A 228 -18.44 -22.90 -11.17
N THR A 229 -17.81 -21.75 -10.92
CA THR A 229 -16.34 -21.68 -10.71
C THR A 229 -15.80 -22.44 -9.49
N ASN A 230 -16.69 -22.99 -8.65
CA ASN A 230 -16.28 -23.54 -7.37
C ASN A 230 -15.42 -22.53 -6.60
N THR A 231 -15.97 -21.33 -6.48
CA THR A 231 -15.31 -20.20 -5.82
C THR A 231 -16.29 -19.45 -4.94
N LEU A 232 -15.76 -18.84 -3.89
CA LEU A 232 -16.55 -18.05 -2.93
C LEU A 232 -16.40 -16.53 -3.07
N ALA A 233 -15.75 -16.06 -4.14
CA ALA A 233 -15.35 -14.65 -4.24
C ALA A 233 -16.50 -13.66 -4.44
N ILE A 234 -17.60 -14.08 -5.06
CA ILE A 234 -18.79 -13.21 -5.18
C ILE A 234 -19.49 -13.00 -3.84
N ILE A 235 -19.62 -14.06 -3.06
CA ILE A 235 -20.19 -14.01 -1.70
C ILE A 235 -19.28 -13.18 -0.78
N GLU A 236 -17.97 -13.38 -0.89
CA GLU A 236 -17.01 -12.62 -0.09
C GLU A 236 -16.99 -11.13 -0.42
N SER A 237 -17.27 -10.79 -1.67
CA SER A 237 -17.19 -9.41 -2.13
C SER A 237 -18.47 -8.65 -1.86
N GLY A 238 -19.57 -9.19 -2.38
CA GLY A 238 -20.91 -8.67 -2.09
C GLY A 238 -21.24 -8.56 -0.60
N GLY A 239 -20.78 -9.55 0.16
CA GLY A 239 -20.89 -9.53 1.61
C GLY A 239 -20.04 -8.46 2.26
N GLY A 240 -18.84 -8.25 1.72
CA GLY A 240 -17.93 -7.21 2.20
C GLY A 240 -18.40 -5.81 1.90
N ILE A 241 -19.07 -5.65 0.74
CA ILE A 241 -19.68 -4.38 0.37
C ILE A 241 -20.77 -4.07 1.40
N LEU A 242 -21.66 -5.05 1.56
CA LEU A 242 -22.77 -4.99 2.53
C LEU A 242 -22.33 -4.67 3.95
N ARG A 243 -21.26 -5.29 4.40
CA ARG A 243 -20.69 -4.98 5.68
C ARG A 243 -20.26 -3.54 5.83
N ASN A 244 -19.75 -2.95 4.75
CA ASN A 244 -19.23 -1.59 4.81
C ASN A 244 -20.35 -0.59 4.77
N VAL A 245 -21.36 -0.86 3.94
CA VAL A 245 -22.54 0.01 3.84
C VAL A 245 -23.50 -0.14 5.02
N SER A 246 -23.42 -1.26 5.75
CA SER A 246 -24.34 -1.55 6.85
C SER A 246 -24.39 -0.47 7.93
N SER A 247 -23.32 0.28 8.14
CA SER A 247 -23.37 1.42 9.06
C SER A 247 -24.50 2.38 8.64
N LEU A 248 -24.60 2.66 7.33
CA LEU A 248 -25.66 3.51 6.82
C LEU A 248 -27.05 2.85 6.89
N ILE A 249 -27.12 1.54 6.61
CA ILE A 249 -28.41 0.80 6.62
C ILE A 249 -29.02 0.70 8.03
N ALA A 250 -28.19 0.39 9.01
CA ALA A 250 -28.56 0.40 10.42
C ALA A 250 -29.55 1.48 10.75
N THR A 251 -29.25 2.72 10.36
CA THR A 251 -30.05 3.90 10.73
C THR A 251 -31.11 4.28 9.69
N ASN A 252 -31.52 3.34 8.84
CA ASN A 252 -32.53 3.61 7.84
C ASN A 252 -33.48 2.41 7.68
N GLU A 253 -34.77 2.63 7.97
CA GLU A 253 -35.78 1.57 8.02
C GLU A 253 -36.21 1.08 6.64
N ASP A 254 -36.39 1.99 5.69
CA ASP A 254 -36.67 1.59 4.31
C ASP A 254 -35.66 0.57 3.78
N HIS A 255 -34.39 0.80 4.12
CA HIS A 255 -33.30 -0.06 3.69
C HIS A 255 -33.28 -1.37 4.44
N ARG A 256 -33.22 -1.30 5.78
CA ARG A 256 -33.48 -2.46 6.67
C ARG A 256 -34.61 -3.38 6.21
N GLN A 257 -35.71 -2.75 5.77
CA GLN A 257 -36.83 -3.49 5.25
C GLN A 257 -36.50 -4.32 4.01
N ILE A 258 -35.68 -3.78 3.11
CA ILE A 258 -35.31 -4.48 1.87
C ILE A 258 -34.47 -5.74 2.18
N LEU A 259 -33.63 -5.64 3.20
CA LEU A 259 -32.86 -6.81 3.69
C LEU A 259 -33.79 -7.91 4.19
N ARG A 260 -34.67 -7.53 5.11
CA ARG A 260 -35.66 -8.44 5.70
C ARG A 260 -36.46 -9.22 4.65
N GLU A 261 -37.06 -8.51 3.69
CA GLU A 261 -37.85 -9.18 2.65
C GLU A 261 -37.07 -10.07 1.68
N ASN A 262 -35.73 -10.06 1.78
CA ASN A 262 -34.82 -11.01 1.10
C ASN A 262 -34.08 -11.99 2.06
N ASN A 263 -34.57 -12.08 3.31
CA ASN A 263 -34.06 -13.01 4.34
C ASN A 263 -32.59 -12.82 4.63
N CYS A 264 -32.18 -11.57 4.68
CA CYS A 264 -30.78 -11.24 4.88
C CYS A 264 -30.23 -11.84 6.18
N LEU A 265 -30.88 -11.51 7.30
CA LEU A 265 -30.38 -11.85 8.62
C LEU A 265 -30.32 -13.34 8.84
N GLN A 266 -31.27 -14.07 8.24
CA GLN A 266 -31.26 -15.52 8.21
C GLN A 266 -29.97 -16.01 7.55
N THR A 267 -29.75 -15.59 6.30
CA THR A 267 -28.54 -15.90 5.53
C THR A 267 -27.27 -15.54 6.28
N LEU A 268 -27.21 -14.31 6.76
CA LEU A 268 -26.06 -13.82 7.52
C LEU A 268 -25.65 -14.70 8.71
N LEU A 269 -26.60 -15.41 9.31
CA LEU A 269 -26.29 -16.29 10.44
C LEU A 269 -25.63 -17.57 9.97
N GLN A 270 -26.09 -18.10 8.85
CA GLN A 270 -25.43 -19.25 8.20
C GLN A 270 -23.98 -18.96 7.82
N HIS A 271 -23.68 -17.72 7.45
CA HIS A 271 -22.31 -17.29 7.17
C HIS A 271 -21.36 -17.39 8.38
N LEU A 272 -21.90 -17.42 9.59
CA LEU A 272 -21.04 -17.57 10.79
C LEU A 272 -20.43 -18.97 10.87
N LYS A 273 -21.14 -19.95 10.31
CA LYS A 273 -20.61 -21.31 10.15
C LYS A 273 -19.46 -21.34 9.16
N SER A 274 -19.61 -20.56 8.08
CA SER A 274 -18.84 -20.74 6.85
C SER A 274 -17.33 -20.90 7.05
N HIS A 275 -16.77 -21.67 6.13
CA HIS A 275 -15.40 -22.18 6.22
C HIS A 275 -14.38 -21.05 5.94
N SER A 276 -14.80 -20.04 5.13
CA SER A 276 -13.96 -18.88 4.76
C SER A 276 -13.97 -17.81 5.83
N LEU A 277 -12.81 -17.55 6.42
CA LEU A 277 -12.65 -16.54 7.48
C LEU A 277 -13.15 -15.15 7.08
N THR A 278 -13.11 -14.86 5.78
CA THR A 278 -13.61 -13.62 5.21
C THR A 278 -15.12 -13.53 5.34
N ILE A 279 -15.83 -14.55 4.85
CA ILE A 279 -17.30 -14.58 4.92
C ILE A 279 -17.79 -14.40 6.37
N VAL A 280 -17.09 -14.98 7.33
CA VAL A 280 -17.39 -14.79 8.76
C VAL A 280 -17.17 -13.32 9.18
N SER A 281 -15.95 -12.83 9.03
CA SER A 281 -15.62 -11.43 9.33
C SER A 281 -16.62 -10.43 8.76
N ASN A 282 -17.07 -10.68 7.54
CA ASN A 282 -18.05 -9.81 6.89
C ASN A 282 -19.36 -9.88 7.61
N ALA A 283 -19.88 -11.09 7.79
CA ALA A 283 -21.14 -11.31 8.52
C ALA A 283 -21.09 -10.79 9.98
N CYS A 284 -19.94 -10.91 10.64
CA CYS A 284 -19.77 -10.40 11.99
C CYS A 284 -19.92 -8.87 12.04
N GLY A 285 -19.25 -8.18 11.13
CA GLY A 285 -19.31 -6.72 11.08
C GLY A 285 -20.64 -6.19 10.59
N THR A 286 -21.32 -6.94 9.73
CA THR A 286 -22.66 -6.57 9.26
C THR A 286 -23.67 -6.60 10.41
N LEU A 287 -23.64 -7.69 11.17
CA LEU A 287 -24.52 -7.89 12.32
C LEU A 287 -24.23 -6.91 13.45
N TRP A 288 -22.95 -6.59 13.68
CA TRP A 288 -22.58 -5.53 14.64
C TRP A 288 -23.42 -4.27 14.43
N ASN A 289 -23.59 -3.83 13.18
CA ASN A 289 -24.37 -2.63 12.87
C ASN A 289 -25.88 -2.84 12.79
N LEU A 290 -26.31 -3.98 12.26
CA LEU A 290 -27.74 -4.31 12.18
C LEU A 290 -28.39 -4.74 13.52
N SER A 291 -27.56 -5.18 14.48
CA SER A 291 -28.05 -5.53 15.81
C SER A 291 -28.17 -4.32 16.73
N ALA A 292 -27.59 -3.19 16.33
CA ALA A 292 -27.71 -1.94 17.10
C ALA A 292 -29.10 -1.33 16.89
N ARG A 293 -29.63 -0.74 17.97
CA ARG A 293 -30.74 0.23 17.96
C ARG A 293 -31.91 0.02 16.97
N ASN A 294 -32.35 -1.22 16.81
CA ASN A 294 -33.58 -1.52 16.06
C ASN A 294 -34.29 -2.72 16.70
N PRO A 295 -35.52 -2.50 17.24
CA PRO A 295 -36.13 -3.55 18.04
C PRO A 295 -36.54 -4.79 17.21
N LYS A 296 -37.12 -4.61 16.03
CA LYS A 296 -37.64 -5.75 15.25
C LYS A 296 -36.54 -6.74 14.88
N ASP A 297 -35.46 -6.21 14.34
CA ASP A 297 -34.30 -7.02 13.93
C ASP A 297 -33.57 -7.60 15.15
N GLN A 298 -33.38 -6.81 16.20
CA GLN A 298 -32.85 -7.32 17.49
C GLN A 298 -33.54 -8.61 17.95
N GLU A 299 -34.87 -8.61 17.92
CA GLU A 299 -35.66 -9.75 18.38
C GLU A 299 -35.62 -10.90 17.39
N ALA A 300 -35.78 -10.60 16.10
CA ALA A 300 -35.69 -11.64 15.05
C ALA A 300 -34.37 -12.44 15.12
N LEU A 301 -33.30 -11.81 15.58
CA LEU A 301 -32.00 -12.47 15.82
C LEU A 301 -31.97 -13.41 17.03
N TRP A 302 -32.60 -12.99 18.14
CA TRP A 302 -32.85 -13.85 19.31
C TRP A 302 -33.62 -15.11 18.88
N ASP A 303 -34.72 -14.91 18.14
CA ASP A 303 -35.60 -15.99 17.68
C ASP A 303 -35.03 -16.93 16.59
N MET A 304 -33.85 -16.61 16.06
CA MET A 304 -33.05 -17.51 15.21
C MET A 304 -31.74 -17.88 15.92
N GLY A 305 -31.71 -17.73 17.24
CA GLY A 305 -30.66 -18.31 18.06
C GLY A 305 -29.27 -17.76 17.84
N ALA A 306 -29.19 -16.50 17.43
CA ALA A 306 -27.92 -15.83 17.21
C ALA A 306 -26.92 -15.91 18.38
N VAL A 307 -27.40 -16.06 19.61
CA VAL A 307 -26.57 -15.85 20.82
C VAL A 307 -25.63 -17.05 21.11
N SER A 308 -26.17 -18.26 20.95
CA SER A 308 -25.36 -19.46 20.97
C SER A 308 -24.30 -19.34 19.85
N MET A 309 -24.75 -18.90 18.68
CA MET A 309 -23.90 -18.79 17.48
C MET A 309 -22.77 -17.77 17.68
N LEU A 310 -23.11 -16.60 18.19
CA LEU A 310 -22.11 -15.55 18.46
C LEU A 310 -21.22 -15.85 19.68
N LYS A 311 -21.67 -16.73 20.57
CA LYS A 311 -20.87 -17.11 21.72
C LYS A 311 -19.65 -17.94 21.24
N ASN A 312 -19.82 -18.71 20.16
CA ASN A 312 -18.71 -19.51 19.57
C ASN A 312 -17.50 -18.64 19.23
N LEU A 313 -17.78 -17.49 18.63
CA LEU A 313 -16.78 -16.70 17.95
C LEU A 313 -16.03 -15.70 18.83
N ILE A 314 -16.60 -15.31 19.96
CA ILE A 314 -15.99 -14.26 20.82
C ILE A 314 -14.53 -14.50 21.23
N HIS A 315 -14.15 -15.78 21.38
CA HIS A 315 -12.76 -16.17 21.65
C HIS A 315 -12.16 -16.77 20.38
N SER A 316 -11.89 -15.89 19.42
CA SER A 316 -11.16 -16.22 18.21
C SER A 316 -9.90 -15.37 18.20
N LYS A 317 -8.83 -15.91 17.66
CA LYS A 317 -7.58 -15.13 17.50
C LYS A 317 -7.71 -13.99 16.48
N HIS A 318 -8.68 -14.09 15.56
CA HIS A 318 -8.88 -13.10 14.50
C HIS A 318 -9.70 -11.92 15.03
N LYS A 319 -9.03 -10.76 15.14
CA LYS A 319 -9.57 -9.61 15.86
C LYS A 319 -10.94 -9.16 15.36
N MET A 320 -11.08 -9.07 14.04
CA MET A 320 -12.35 -8.64 13.45
C MET A 320 -13.52 -9.61 13.71
N ILE A 321 -13.21 -10.89 13.93
CA ILE A 321 -14.24 -11.86 14.32
C ILE A 321 -14.55 -11.70 15.82
N ALA A 322 -13.50 -11.56 16.65
CA ALA A 322 -13.65 -11.40 18.09
C ALA A 322 -14.46 -10.15 18.47
N MET A 323 -14.07 -9.00 17.91
CA MET A 323 -14.76 -7.71 18.14
C MET A 323 -16.19 -7.72 17.64
N GLY A 324 -16.35 -8.10 16.38
CA GLY A 324 -17.64 -8.05 15.70
C GLY A 324 -18.70 -8.93 16.31
N SER A 325 -18.30 -10.13 16.73
CA SER A 325 -19.23 -11.06 17.40
C SER A 325 -19.57 -10.65 18.84
N ALA A 326 -18.59 -10.06 19.54
CA ALA A 326 -18.74 -9.60 20.93
C ALA A 326 -19.64 -8.38 20.97
N ALA A 327 -19.31 -7.41 20.12
CA ALA A 327 -20.13 -6.23 19.91
C ALA A 327 -21.57 -6.57 19.50
N ALA A 328 -21.75 -7.48 18.55
CA ALA A 328 -23.08 -7.89 18.12
C ALA A 328 -23.83 -8.56 19.25
N LEU A 329 -23.10 -9.37 20.02
CA LEU A 329 -23.66 -10.09 21.17
C LEU A 329 -24.13 -9.11 22.25
N ARG A 330 -23.23 -8.21 22.62
CA ARG A 330 -23.47 -7.12 23.60
C ARG A 330 -24.74 -6.30 23.33
N ASN A 331 -24.98 -5.97 22.05
CA ASN A 331 -26.23 -5.33 21.61
C ASN A 331 -27.44 -6.23 21.87
N LEU A 332 -27.33 -7.51 21.52
CA LEU A 332 -28.41 -8.46 21.77
C LEU A 332 -28.65 -8.71 23.27
N MET A 333 -27.56 -8.78 24.05
CA MET A 333 -27.64 -8.97 25.51
C MET A 333 -28.35 -7.79 26.13
N ALA A 334 -27.73 -6.62 26.04
CA ALA A 334 -28.25 -5.44 26.70
C ALA A 334 -29.62 -4.95 26.17
N ASN A 335 -30.21 -5.59 25.14
CA ASN A 335 -31.57 -5.25 24.67
C ASN A 335 -32.40 -6.51 24.39
N ARG A 336 -32.72 -7.25 25.44
CA ARG A 336 -33.42 -8.55 25.34
C ARG A 336 -34.95 -8.51 25.20
N PRO A 337 -35.54 -9.37 24.36
CA PRO A 337 -36.95 -9.71 24.55
C PRO A 337 -37.14 -10.35 25.91
N ALA A 338 -38.31 -10.11 26.51
CA ALA A 338 -38.58 -10.46 27.91
C ALA A 338 -38.28 -11.92 28.20
N LYS A 339 -38.80 -12.77 27.32
CA LYS A 339 -38.50 -14.22 27.23
C LYS A 339 -37.06 -14.70 27.48
N TYR A 340 -36.07 -13.93 27.02
CA TYR A 340 -34.64 -14.30 27.18
C TYR A 340 -33.91 -13.47 28.26
N LYS A 341 -34.65 -12.68 29.04
CA LYS A 341 -34.07 -11.95 30.19
C LYS A 341 -33.61 -12.89 31.32
N ASP A 342 -32.67 -12.43 32.14
CA ASP A 342 -32.15 -13.23 33.26
C ASP A 342 -33.19 -13.51 34.34
N ALA A 343 -34.01 -12.48 34.61
CA ALA A 343 -35.12 -12.52 35.59
C ALA A 343 -36.16 -13.59 35.28
N ASN A 344 -36.62 -13.60 34.04
CA ASN A 344 -37.44 -14.70 33.51
C ASN A 344 -36.50 -15.87 33.22
N ILE A 345 -37.07 -17.01 32.86
CA ILE A 345 -36.36 -18.10 32.13
C ILE A 345 -34.82 -18.25 32.44
N MET A 346 -34.48 -18.35 33.73
CA MET A 346 -33.15 -18.80 34.20
C MET A 346 -33.07 -20.33 34.16
N HIS B 3 26.72 -36.41 3.86
CA HIS B 3 26.71 -35.98 5.31
C HIS B 3 25.45 -35.25 5.81
N HIS B 4 24.90 -34.35 4.99
CA HIS B 4 23.71 -33.56 5.36
C HIS B 4 23.84 -32.99 6.78
N HIS B 5 24.89 -32.19 7.00
CA HIS B 5 25.20 -31.63 8.34
C HIS B 5 24.10 -30.70 8.88
N HIS B 6 23.62 -29.79 8.02
CA HIS B 6 22.58 -28.80 8.35
C HIS B 6 21.20 -29.14 7.75
N HIS B 7 20.91 -30.44 7.65
CA HIS B 7 19.70 -30.99 7.04
C HIS B 7 18.43 -30.18 7.29
N HIS B 8 18.09 -29.89 8.55
CA HIS B 8 16.84 -29.15 8.88
C HIS B 8 16.78 -27.78 8.21
N MET B 9 17.92 -27.10 8.10
CA MET B 9 17.96 -25.76 7.54
C MET B 9 17.84 -25.83 6.05
N LEU B 10 18.59 -26.75 5.44
CA LEU B 10 18.49 -26.97 4.02
C LEU B 10 17.05 -27.26 3.64
N HIS B 11 16.37 -28.09 4.41
CA HIS B 11 15.01 -28.41 4.10
C HIS B 11 14.07 -27.24 4.20
N LEU B 12 14.29 -26.35 5.16
CA LEU B 12 13.51 -25.12 5.22
C LEU B 12 13.71 -24.24 3.99
N LEU B 13 14.96 -24.08 3.57
CA LEU B 13 15.27 -23.28 2.40
C LEU B 13 14.73 -23.90 1.14
N GLU B 14 14.69 -25.22 1.06
CA GLU B 14 14.15 -25.92 -0.11
C GLU B 14 12.66 -25.66 -0.23
N GLN B 15 11.95 -25.65 0.88
CA GLN B 15 10.53 -25.34 0.85
C GLN B 15 10.27 -23.96 0.32
N ILE B 16 11.11 -23.03 0.74
CA ILE B 16 10.98 -21.64 0.37
C ILE B 16 11.31 -21.49 -1.10
N ARG B 17 12.39 -22.12 -1.54
CA ARG B 17 12.76 -22.09 -2.94
C ARG B 17 11.69 -22.73 -3.82
N ALA B 18 11.18 -23.87 -3.42
CA ALA B 18 10.06 -24.53 -4.10
C ALA B 18 8.83 -23.64 -4.28
N TYR B 19 8.37 -23.02 -3.19
CA TYR B 19 7.22 -22.12 -3.22
C TYR B 19 7.45 -20.98 -4.23
N CYS B 20 8.65 -20.41 -4.24
CA CYS B 20 8.99 -19.36 -5.18
C CYS B 20 8.96 -19.85 -6.63
N GLU B 21 9.43 -21.07 -6.88
CA GLU B 21 9.31 -21.69 -8.24
C GLU B 21 7.86 -21.77 -8.67
N THR B 22 7.00 -22.24 -7.79
CA THR B 22 5.60 -22.34 -8.06
C THR B 22 4.99 -20.99 -8.33
N CYS B 23 5.42 -19.96 -7.60
CA CYS B 23 4.94 -18.59 -7.82
C CYS B 23 5.41 -18.13 -9.17
N TRP B 24 6.71 -18.25 -9.42
CA TRP B 24 7.26 -18.01 -10.74
C TRP B 24 6.48 -18.66 -11.87
N GLU B 25 6.17 -19.93 -11.72
CA GLU B 25 5.44 -20.65 -12.73
C GLU B 25 4.07 -20.06 -12.94
N TRP B 26 3.41 -19.64 -11.86
CA TRP B 26 2.12 -19.00 -11.97
C TRP B 26 2.27 -17.67 -12.66
N GLN B 27 3.30 -16.90 -12.30
CA GLN B 27 3.52 -15.60 -12.92
C GLN B 27 3.65 -15.74 -14.44
N GLU B 28 4.27 -16.82 -14.90
CA GLU B 28 4.56 -17.02 -16.33
C GLU B 28 3.34 -17.43 -17.13
N ALA B 29 2.52 -18.30 -16.57
CA ALA B 29 1.28 -18.74 -17.17
C ALA B 29 0.26 -17.63 -17.13
N HIS B 30 0.41 -16.74 -16.17
CA HIS B 30 -0.49 -15.60 -15.96
C HIS B 30 -0.39 -14.48 -16.96
N GLU B 31 0.66 -14.42 -17.80
CA GLU B 31 0.79 -13.43 -18.93
C GLU B 31 -0.43 -13.91 -19.66
N PRO B 32 -1.18 -13.05 -20.26
CA PRO B 32 -2.55 -13.51 -20.43
C PRO B 32 -2.76 -14.52 -21.57
N GLY B 33 -3.83 -15.31 -21.46
CA GLY B 33 -4.31 -16.10 -22.59
C GLY B 33 -4.89 -17.44 -22.24
N MET B 34 -4.33 -18.08 -21.21
CA MET B 34 -4.91 -19.32 -20.68
C MET B 34 -6.14 -18.97 -19.85
N ASP B 35 -7.09 -19.92 -19.82
CA ASP B 35 -8.29 -19.92 -18.96
C ASP B 35 -8.17 -19.31 -17.54
N GLN B 36 -7.06 -19.59 -16.85
CA GLN B 36 -6.77 -19.14 -15.45
C GLN B 36 -7.70 -19.78 -14.40
N ASP B 37 -8.66 -20.59 -14.85
CA ASP B 37 -9.25 -21.63 -14.01
C ASP B 37 -8.20 -22.75 -13.95
N LYS B 38 -7.41 -22.90 -15.02
CA LYS B 38 -6.45 -24.00 -15.15
C LYS B 38 -5.07 -23.66 -14.53
N ASN B 39 -4.94 -22.44 -13.99
CA ASN B 39 -3.75 -21.96 -13.30
C ASN B 39 -4.13 -21.35 -11.94
N PRO B 40 -4.17 -22.16 -10.86
CA PRO B 40 -4.46 -21.57 -9.54
C PRO B 40 -3.31 -20.65 -9.06
N MET B 41 -3.61 -19.46 -8.53
CA MET B 41 -2.66 -18.61 -7.75
C MET B 41 -2.20 -19.36 -6.49
N PRO B 42 -0.88 -19.49 -6.24
CA PRO B 42 -0.48 -20.11 -4.95
C PRO B 42 -0.68 -19.13 -3.79
N ALA B 43 -1.18 -19.64 -2.67
CA ALA B 43 -1.37 -18.83 -1.46
C ALA B 43 -0.37 -19.32 -0.41
N PRO B 44 0.30 -18.40 0.30
CA PRO B 44 1.37 -18.82 1.22
C PRO B 44 0.88 -19.66 2.42
N VAL B 45 -0.33 -19.38 2.91
CA VAL B 45 -0.99 -20.23 3.91
C VAL B 45 -1.12 -21.71 3.49
N GLU B 46 -1.43 -21.94 2.22
CA GLU B 46 -1.63 -23.30 1.68
C GLU B 46 -0.36 -24.15 1.58
N HIS B 47 0.82 -23.53 1.68
CA HIS B 47 2.11 -24.25 1.64
C HIS B 47 2.98 -24.02 2.90
N GLN B 48 2.36 -23.62 4.01
CA GLN B 48 3.05 -23.50 5.32
C GLN B 48 4.29 -22.61 5.29
N ILE B 49 4.18 -21.51 4.57
CA ILE B 49 5.33 -20.65 4.35
C ILE B 49 5.72 -19.86 5.59
N CYS B 50 4.75 -19.32 6.31
CA CYS B 50 5.06 -18.60 7.54
C CYS B 50 5.91 -19.45 8.49
N PRO B 51 5.41 -20.64 8.88
CA PRO B 51 6.21 -21.51 9.70
C PRO B 51 7.67 -21.61 9.30
N ALA B 52 7.93 -21.86 8.03
CA ALA B 52 9.28 -22.10 7.56
C ALA B 52 10.13 -20.85 7.64
N VAL B 53 9.58 -19.74 7.16
CA VAL B 53 10.31 -18.46 7.22
C VAL B 53 10.45 -18.00 8.68
N CYS B 54 9.43 -18.27 9.48
CA CYS B 54 9.47 -18.01 10.91
C CYS B 54 10.63 -18.72 11.62
N VAL B 55 10.79 -20.01 11.34
CA VAL B 55 11.88 -20.78 11.91
C VAL B 55 13.23 -20.23 11.45
N LEU B 56 13.33 -19.88 10.18
CA LEU B 56 14.57 -19.33 9.64
C LEU B 56 14.90 -18.00 10.29
N MET B 57 13.87 -17.16 10.45
CA MET B 57 14.01 -15.88 11.14
C MET B 57 14.56 -16.10 12.53
N LYS B 58 13.92 -17.00 13.28
CA LYS B 58 14.36 -17.39 14.63
C LYS B 58 15.82 -17.81 14.71
N LEU B 59 16.21 -18.74 13.85
CA LEU B 59 17.58 -19.21 13.79
C LEU B 59 18.59 -18.12 13.42
N SER B 60 18.15 -17.10 12.68
CA SER B 60 19.06 -16.08 12.15
C SER B 60 19.63 -15.15 13.19
N PHE B 61 18.99 -15.07 14.36
CA PHE B 61 19.53 -14.32 15.50
C PHE B 61 20.91 -14.86 15.95
N ASP B 62 21.06 -16.17 15.93
CA ASP B 62 22.31 -16.83 16.33
C ASP B 62 23.33 -16.73 15.19
N GLU B 63 24.58 -16.44 15.52
CA GLU B 63 25.64 -16.22 14.51
C GLU B 63 26.09 -17.50 13.82
N GLU B 64 26.13 -18.62 14.55
CA GLU B 64 26.53 -19.92 13.98
C GLU B 64 25.57 -20.33 12.86
N HIS B 65 24.29 -20.17 13.15
CA HIS B 65 23.26 -20.43 12.16
C HIS B 65 23.35 -19.52 10.95
N ARG B 66 23.63 -18.24 11.17
CA ARG B 66 23.80 -17.33 10.05
C ARG B 66 24.91 -17.79 9.11
N HIS B 67 26.02 -18.25 9.68
CA HIS B 67 27.12 -18.74 8.87
C HIS B 67 26.69 -19.92 8.01
N ALA B 68 25.89 -20.82 8.60
CA ALA B 68 25.37 -21.98 7.91
C ALA B 68 24.37 -21.61 6.80
N MET B 69 23.46 -20.66 7.06
CA MET B 69 22.55 -20.12 6.05
C MET B 69 23.29 -19.47 4.90
N ASN B 70 24.38 -18.77 5.20
CA ASN B 70 25.13 -18.08 4.18
C ASN B 70 25.80 -19.05 3.21
N GLU B 71 26.20 -20.23 3.71
CA GLU B 71 26.70 -21.29 2.84
C GLU B 71 25.59 -21.89 1.97
N LEU B 72 24.38 -21.97 2.51
CA LEU B 72 23.20 -22.45 1.79
C LEU B 72 22.44 -21.38 0.96
N GLY B 73 22.94 -20.15 0.87
CA GLY B 73 22.31 -19.09 0.09
C GLY B 73 20.98 -18.61 0.64
N GLY B 74 20.89 -18.50 1.96
CA GLY B 74 19.65 -18.16 2.61
C GLY B 74 19.19 -16.72 2.35
N LEU B 75 20.13 -15.80 2.16
CA LEU B 75 19.79 -14.39 1.92
C LEU B 75 18.99 -14.25 0.64
N GLN B 76 19.51 -14.81 -0.46
CA GLN B 76 18.78 -14.79 -1.74
C GLN B 76 17.39 -15.33 -1.54
N ALA B 77 17.31 -16.53 -0.97
CA ALA B 77 16.06 -17.27 -0.90
C ALA B 77 15.02 -16.46 -0.20
N ILE B 78 15.39 -15.87 0.92
CA ILE B 78 14.47 -15.11 1.72
C ILE B 78 14.12 -13.79 1.04
N ALA B 79 15.09 -13.12 0.45
CA ALA B 79 14.83 -11.88 -0.28
C ALA B 79 13.88 -12.14 -1.46
N GLU B 80 14.15 -13.21 -2.22
CA GLU B 80 13.26 -13.64 -3.29
C GLU B 80 11.83 -13.91 -2.84
N LEU B 81 11.68 -14.59 -1.71
CA LEU B 81 10.36 -14.87 -1.16
C LEU B 81 9.63 -13.59 -0.84
N LEU B 82 10.34 -12.63 -0.24
CA LEU B 82 9.73 -11.33 0.13
C LEU B 82 9.30 -10.62 -1.14
N GLN B 83 10.21 -10.55 -2.11
CA GLN B 83 9.92 -9.87 -3.37
C GLN B 83 8.69 -10.45 -4.06
N VAL B 84 8.63 -11.77 -4.18
CA VAL B 84 7.56 -12.41 -4.95
C VAL B 84 6.22 -12.22 -4.27
N ASP B 85 6.15 -12.30 -2.94
CA ASP B 85 4.86 -12.06 -2.27
C ASP B 85 4.39 -10.62 -2.47
N CYS B 86 5.32 -9.66 -2.46
CA CYS B 86 5.00 -8.27 -2.77
C CYS B 86 4.49 -8.17 -4.23
N GLU B 87 5.25 -8.70 -5.19
CA GLU B 87 4.88 -8.65 -6.65
C GLU B 87 3.60 -9.37 -7.05
N MET B 88 3.17 -10.30 -6.22
CA MET B 88 1.93 -11.00 -6.44
C MET B 88 0.71 -10.32 -5.80
N TYR B 89 0.85 -9.85 -4.54
CA TYR B 89 -0.29 -9.35 -3.74
C TYR B 89 -0.23 -7.87 -3.37
N GLY B 90 0.75 -7.14 -3.83
CA GLY B 90 0.79 -5.70 -3.64
C GLY B 90 0.85 -5.22 -2.21
N LEU B 91 0.22 -4.08 -1.92
CA LEU B 91 0.11 -3.51 -0.56
C LEU B 91 -1.12 -4.10 0.09
N THR B 92 -1.04 -5.40 0.32
CA THR B 92 -2.10 -6.13 0.95
C THR B 92 -2.17 -5.82 2.42
N ASN B 93 -3.32 -6.17 2.97
CA ASN B 93 -3.60 -6.12 4.41
C ASN B 93 -3.71 -7.55 5.01
N ASP B 94 -3.74 -8.59 4.18
CA ASP B 94 -3.83 -9.98 4.61
C ASP B 94 -2.82 -10.26 5.73
N HIS B 95 -3.27 -10.91 6.80
CA HIS B 95 -2.41 -11.13 7.96
C HIS B 95 -1.27 -12.10 7.65
N TYR B 96 -1.56 -13.09 6.82
CA TYR B 96 -0.56 -14.09 6.45
C TYR B 96 0.56 -13.44 5.63
N SER B 97 0.20 -12.68 4.60
CA SER B 97 1.21 -11.93 3.81
C SER B 97 2.04 -10.95 4.64
N ILE B 98 1.39 -10.26 5.55
CA ILE B 98 2.11 -9.33 6.43
C ILE B 98 3.07 -10.05 7.38
N THR B 99 2.61 -11.13 7.99
CA THR B 99 3.44 -11.88 8.91
C THR B 99 4.64 -12.49 8.18
N LEU B 100 4.36 -13.10 7.03
CA LEU B 100 5.41 -13.62 6.14
C LEU B 100 6.44 -12.56 5.79
N ARG B 101 5.95 -11.39 5.41
CA ARG B 101 6.83 -10.29 5.05
C ARG B 101 7.68 -9.80 6.21
N ARG B 102 7.08 -9.73 7.40
CA ARG B 102 7.81 -9.38 8.61
C ARG B 102 8.96 -10.32 8.92
N TYR B 103 8.62 -11.60 9.00
CA TYR B 103 9.59 -12.64 9.32
C TYR B 103 10.71 -12.68 8.30
N ALA B 104 10.33 -12.63 7.04
CA ALA B 104 11.30 -12.50 5.98
C ALA B 104 12.22 -11.30 6.23
N GLY B 105 11.64 -10.13 6.51
CA GLY B 105 12.42 -8.90 6.78
C GLY B 105 13.35 -8.97 7.98
N MET B 106 12.87 -9.58 9.06
CA MET B 106 13.68 -9.77 10.26
C MET B 106 14.91 -10.63 9.97
N ALA B 107 14.69 -11.74 9.27
CA ALA B 107 15.79 -12.57 8.78
C ALA B 107 16.79 -11.76 7.95
N LEU B 108 16.29 -10.88 7.10
CA LEU B 108 17.17 -10.05 6.30
C LEU B 108 17.91 -9.02 7.15
N THR B 109 17.24 -8.49 8.16
CA THR B 109 17.91 -7.60 9.10
C THR B 109 19.11 -8.34 9.71
N ASN B 110 18.84 -9.53 10.27
CA ASN B 110 19.89 -10.33 10.90
C ASN B 110 21.01 -10.75 9.93
N LEU B 111 20.66 -11.06 8.70
CA LEU B 111 21.67 -11.53 7.74
C LEU B 111 22.56 -10.42 7.18
N THR B 112 22.04 -9.19 7.14
CA THR B 112 22.81 -8.01 6.73
C THR B 112 23.63 -7.40 7.86
N PHE B 113 23.20 -7.65 9.10
CA PHE B 113 23.95 -7.22 10.27
C PHE B 113 25.40 -7.68 10.29
N GLY B 114 26.32 -6.73 10.27
CA GLY B 114 27.75 -7.02 10.36
C GLY B 114 28.39 -7.72 9.18
N ASP B 115 27.65 -7.89 8.09
CA ASP B 115 28.10 -8.69 6.95
C ASP B 115 28.13 -7.81 5.73
N VAL B 116 29.32 -7.49 5.23
CA VAL B 116 29.43 -6.53 4.13
C VAL B 116 28.96 -7.14 2.82
N ALA B 117 29.37 -8.37 2.54
CA ALA B 117 28.96 -9.08 1.32
C ALA B 117 27.44 -9.17 1.18
N ASN B 118 26.73 -9.44 2.27
CA ASN B 118 25.28 -9.52 2.25
C ASN B 118 24.58 -8.17 2.04
N LYS B 119 25.10 -7.10 2.63
CA LYS B 119 24.56 -5.75 2.41
C LYS B 119 24.67 -5.39 0.93
N ALA B 120 25.87 -5.58 0.38
CA ALA B 120 26.15 -5.36 -1.06
C ALA B 120 25.23 -6.20 -1.94
N THR B 121 25.07 -7.47 -1.59
CA THR B 121 24.24 -8.40 -2.36
C THR B 121 22.78 -8.02 -2.34
N LEU B 122 22.23 -7.78 -1.15
CA LEU B 122 20.82 -7.43 -1.06
C LEU B 122 20.55 -6.14 -1.81
N CYS B 123 21.41 -5.14 -1.68
CA CYS B 123 21.29 -3.89 -2.44
C CYS B 123 21.35 -4.11 -3.94
N SER B 124 22.10 -5.11 -4.39
CA SER B 124 22.17 -5.41 -5.83
C SER B 124 20.85 -5.94 -6.37
N MET B 125 20.05 -6.56 -5.50
CA MET B 125 18.73 -7.10 -5.87
C MET B 125 17.70 -5.97 -5.92
N LYS B 126 17.58 -5.35 -7.09
CA LYS B 126 16.86 -4.08 -7.20
C LYS B 126 15.34 -4.22 -7.14
N GLY B 127 14.82 -5.30 -7.68
CA GLY B 127 13.39 -5.59 -7.56
C GLY B 127 12.94 -5.81 -6.15
N CYS B 128 13.86 -6.32 -5.31
CA CYS B 128 13.59 -6.56 -3.90
C CYS B 128 13.71 -5.27 -3.13
N MET B 129 14.75 -4.47 -3.44
CA MET B 129 14.91 -3.15 -2.85
C MET B 129 13.69 -2.28 -3.06
N ARG B 130 13.14 -2.29 -4.27
CA ARG B 130 11.90 -1.57 -4.52
C ARG B 130 10.73 -2.11 -3.72
N ALA B 131 10.65 -3.43 -3.58
CA ALA B 131 9.59 -4.07 -2.82
C ALA B 131 9.67 -3.69 -1.36
N LEU B 132 10.89 -3.63 -0.82
CA LEU B 132 11.11 -3.21 0.56
C LEU B 132 10.63 -1.80 0.79
N VAL B 133 11.14 -0.86 0.00
CA VAL B 133 10.78 0.54 0.13
C VAL B 133 9.26 0.75 0.04
N ALA B 134 8.59 0.04 -0.85
CA ALA B 134 7.16 0.17 -0.98
C ALA B 134 6.41 -0.28 0.28
N GLN B 135 7.01 -1.16 1.07
CA GLN B 135 6.35 -1.66 2.28
C GLN B 135 6.31 -0.65 3.43
N LEU B 136 7.02 0.46 3.32
CA LEU B 136 6.90 1.55 4.32
C LEU B 136 5.47 2.13 4.33
N LYS B 137 4.80 2.08 3.16
CA LYS B 137 3.39 2.44 3.05
C LYS B 137 2.41 1.39 3.55
N SER B 138 2.88 0.27 4.11
CA SER B 138 1.97 -0.75 4.64
C SER B 138 1.18 -0.19 5.80
N GLU B 139 0.04 -0.79 6.11
CA GLU B 139 -0.72 -0.46 7.32
C GLU B 139 -0.14 -1.10 8.58
N SER B 140 0.72 -2.10 8.43
CA SER B 140 1.36 -2.68 9.59
C SER B 140 2.56 -1.82 9.92
N GLU B 141 2.49 -1.10 11.03
CA GLU B 141 3.67 -0.40 11.54
C GLU B 141 4.71 -1.41 12.05
N ASP B 142 4.26 -2.60 12.43
CA ASP B 142 5.17 -3.67 12.79
C ASP B 142 6.02 -4.07 11.59
N LEU B 143 5.42 -4.13 10.40
CA LEU B 143 6.14 -4.37 9.15
C LEU B 143 7.07 -3.21 8.81
N GLN B 144 6.57 -1.98 8.91
CA GLN B 144 7.38 -0.79 8.68
C GLN B 144 8.62 -0.73 9.55
N GLN B 145 8.43 -1.14 10.80
CA GLN B 145 9.51 -1.21 11.77
C GLN B 145 10.59 -2.15 11.27
N VAL B 146 10.17 -3.31 10.74
CA VAL B 146 11.09 -4.28 10.17
C VAL B 146 11.81 -3.71 8.94
N ILE B 147 11.06 -3.12 8.03
CA ILE B 147 11.64 -2.66 6.76
C ILE B 147 12.71 -1.60 7.03
N ALA B 148 12.36 -0.63 7.87
CA ALA B 148 13.30 0.38 8.36
C ALA B 148 14.57 -0.25 8.91
N SER B 149 14.41 -1.28 9.75
CA SER B 149 15.56 -2.00 10.34
C SER B 149 16.50 -2.62 9.30
N VAL B 150 15.91 -3.11 8.20
CA VAL B 150 16.69 -3.61 7.06
C VAL B 150 17.47 -2.45 6.48
N LEU B 151 16.73 -1.38 6.18
CA LEU B 151 17.31 -0.21 5.51
C LEU B 151 18.42 0.42 6.32
N ARG B 152 18.17 0.53 7.62
CA ARG B 152 19.19 0.94 8.57
C ARG B 152 20.51 0.20 8.40
N ASN B 153 20.46 -1.13 8.37
CA ASN B 153 21.69 -1.94 8.26
C ASN B 153 22.33 -1.84 6.89
N LEU B 154 21.53 -1.66 5.86
CA LEU B 154 22.06 -1.53 4.51
C LEU B 154 22.81 -0.21 4.34
N SER B 155 22.24 0.84 4.94
CA SER B 155 22.84 2.18 4.93
C SER B 155 24.02 2.33 5.89
N TRP B 156 24.23 1.40 6.82
CA TRP B 156 25.40 1.43 7.69
C TRP B 156 26.61 0.86 6.96
N ARG B 157 27.58 1.71 6.69
CA ARG B 157 28.82 1.34 6.00
C ARG B 157 28.57 0.76 4.63
N ALA B 158 27.70 1.42 3.90
CA ALA B 158 27.38 1.06 2.53
C ALA B 158 28.55 1.41 1.63
N ASP B 159 29.00 0.46 0.80
CA ASP B 159 29.94 0.78 -0.27
C ASP B 159 29.32 1.69 -1.35
N VAL B 160 30.11 2.10 -2.34
CA VAL B 160 29.69 3.14 -3.29
C VAL B 160 28.37 2.78 -3.99
N ASN B 161 28.30 1.56 -4.50
CA ASN B 161 27.11 1.06 -5.21
C ASN B 161 25.85 1.00 -4.34
N SER B 162 26.00 0.51 -3.12
CA SER B 162 24.88 0.32 -2.20
C SER B 162 24.27 1.66 -1.87
N LYS B 163 25.13 2.67 -1.70
CA LYS B 163 24.71 4.07 -1.46
C LYS B 163 23.87 4.61 -2.59
N LYS B 164 24.41 4.46 -3.80
CA LYS B 164 23.75 4.91 -5.02
C LYS B 164 22.38 4.28 -5.17
N THR B 165 22.32 2.95 -5.01
CA THR B 165 21.07 2.18 -5.06
C THR B 165 20.04 2.64 -4.03
N LEU B 166 20.50 2.79 -2.79
CA LEU B 166 19.63 3.27 -1.71
C LEU B 166 18.97 4.60 -2.03
N ARG B 167 19.73 5.50 -2.67
CA ARG B 167 19.21 6.77 -3.16
C ARG B 167 18.26 6.53 -4.32
N GLU B 168 18.73 5.79 -5.33
CA GLU B 168 17.95 5.46 -6.55
C GLU B 168 16.55 4.93 -6.30
N VAL B 169 16.42 4.04 -5.31
CA VAL B 169 15.12 3.44 -5.02
C VAL B 169 14.22 4.32 -4.16
N GLY B 170 14.62 5.56 -3.90
CA GLY B 170 13.77 6.53 -3.18
C GLY B 170 13.57 6.24 -1.71
N SER B 171 14.62 5.72 -1.07
CA SER B 171 14.52 5.25 0.32
C SER B 171 14.38 6.41 1.29
N VAL B 172 15.19 7.46 1.06
CA VAL B 172 15.27 8.60 1.99
C VAL B 172 13.92 9.30 2.08
N LYS B 173 13.37 9.67 0.92
CA LYS B 173 12.08 10.37 0.88
C LYS B 173 10.94 9.54 1.43
N ALA B 174 11.03 8.22 1.26
CA ALA B 174 9.97 7.30 1.71
C ALA B 174 9.95 7.09 3.23
N LEU B 175 11.14 7.02 3.81
CA LEU B 175 11.30 6.90 5.26
C LEU B 175 10.87 8.18 5.97
N MET B 176 11.26 9.32 5.41
CA MET B 176 10.88 10.62 5.97
C MET B 176 9.37 10.78 5.92
N GLU B 177 8.74 10.45 4.80
CA GLU B 177 7.28 10.45 4.73
C GLU B 177 6.66 9.42 5.68
N CYS B 178 7.30 8.26 5.82
CA CYS B 178 6.87 7.24 6.77
C CYS B 178 6.79 7.79 8.19
N ALA B 179 7.92 8.37 8.64
CA ALA B 179 8.07 9.01 9.97
C ALA B 179 6.93 9.95 10.38
N LEU B 180 6.51 10.82 9.46
CA LEU B 180 5.42 11.76 9.72
C LEU B 180 4.13 11.04 10.15
N GLU B 181 3.83 9.90 9.53
CA GLU B 181 2.60 9.16 9.83
C GLU B 181 2.67 8.17 10.99
N VAL B 182 3.88 7.82 11.43
CA VAL B 182 4.08 6.77 12.45
C VAL B 182 3.49 7.16 13.82
N LYS B 183 2.69 6.28 14.40
CA LYS B 183 2.09 6.51 15.72
C LYS B 183 2.76 5.78 16.89
N LYS B 184 3.56 4.74 16.61
CA LYS B 184 4.18 3.92 17.66
C LYS B 184 5.66 4.22 17.78
N GLU B 185 6.18 4.16 19.00
CA GLU B 185 7.56 4.62 19.26
C GLU B 185 8.64 3.69 18.69
N SER B 186 8.42 2.39 18.85
CA SER B 186 9.34 1.36 18.35
C SER B 186 9.58 1.48 16.84
N THR B 187 8.49 1.63 16.10
CA THR B 187 8.53 1.88 14.66
C THR B 187 9.39 3.09 14.35
N LEU B 188 9.03 4.22 14.96
CA LEU B 188 9.71 5.50 14.74
C LEU B 188 11.20 5.45 15.10
N LYS B 189 11.56 4.70 16.13
CA LYS B 189 12.98 4.55 16.46
C LYS B 189 13.78 4.02 15.25
N SER B 190 13.26 2.98 14.61
CA SER B 190 13.96 2.36 13.47
C SER B 190 13.97 3.25 12.23
N VAL B 191 12.80 3.79 11.89
CA VAL B 191 12.66 4.76 10.80
C VAL B 191 13.73 5.86 10.92
N LEU B 192 13.83 6.46 12.11
CA LEU B 192 14.79 7.56 12.34
C LEU B 192 16.25 7.09 12.37
N SER B 193 16.49 5.93 12.96
CA SER B 193 17.82 5.32 12.94
C SER B 193 18.31 5.14 11.49
N ALA B 194 17.42 4.70 10.59
CA ALA B 194 17.75 4.51 9.19
C ALA B 194 18.09 5.82 8.51
N LEU B 195 17.20 6.81 8.70
CA LEU B 195 17.40 8.18 8.21
C LEU B 195 18.69 8.81 8.73
N TRP B 196 19.00 8.60 10.01
CA TRP B 196 20.24 9.10 10.61
C TRP B 196 21.43 8.56 9.79
N ASN B 197 21.48 7.24 9.58
CA ASN B 197 22.56 6.63 8.78
C ASN B 197 22.60 7.20 7.36
N LEU B 198 21.43 7.33 6.76
CA LEU B 198 21.31 7.75 5.35
C LEU B 198 21.66 9.21 5.12
N SER B 199 21.30 10.07 6.08
CA SER B 199 21.61 11.50 6.04
C SER B 199 23.13 11.78 6.03
N ALA B 200 23.93 10.88 6.59
CA ALA B 200 25.39 11.03 6.53
C ALA B 200 26.01 10.76 5.14
N HIS B 201 25.26 10.27 4.16
CA HIS B 201 25.86 9.72 2.92
C HIS B 201 26.35 10.79 1.96
N CYS B 202 25.51 11.78 1.71
CA CYS B 202 25.72 12.72 0.62
C CYS B 202 24.79 13.94 0.76
N THR B 203 25.07 14.97 -0.04
CA THR B 203 24.24 16.18 -0.05
C THR B 203 22.78 15.91 -0.51
N GLU B 204 22.61 15.05 -1.53
CA GLU B 204 21.29 14.76 -2.11
C GLU B 204 20.33 14.17 -1.08
N ASN B 205 20.84 13.31 -0.22
CA ASN B 205 20.03 12.73 0.85
C ASN B 205 19.59 13.80 1.85
N LYS B 206 20.53 14.67 2.24
CA LYS B 206 20.21 15.79 3.13
C LYS B 206 19.13 16.66 2.49
N ALA B 207 19.38 17.03 1.24
CA ALA B 207 18.42 17.79 0.43
C ALA B 207 17.04 17.15 0.35
N ASP B 208 17.00 15.84 0.10
CA ASP B 208 15.74 15.11 -0.03
C ASP B 208 14.95 15.06 1.28
N ILE B 209 15.64 15.06 2.41
CA ILE B 209 14.98 15.05 3.73
C ILE B 209 14.27 16.37 3.98
N CYS B 210 15.03 17.47 3.84
CA CYS B 210 14.52 18.84 4.04
C CYS B 210 13.37 19.14 3.11
N ALA B 211 13.45 18.60 1.90
CA ALA B 211 12.46 18.84 0.86
C ALA B 211 11.08 18.16 1.06
N VAL B 212 10.81 17.53 2.21
CA VAL B 212 9.51 16.88 2.44
C VAL B 212 8.61 17.78 3.27
N ASP B 213 7.33 17.89 2.89
CA ASP B 213 6.38 18.79 3.56
C ASP B 213 6.06 18.35 4.99
N GLY B 214 6.58 19.12 5.95
CA GLY B 214 6.44 18.84 7.39
C GLY B 214 7.72 18.29 8.01
N ALA B 215 8.76 18.11 7.20
CA ALA B 215 9.93 17.33 7.61
C ALA B 215 10.68 18.03 8.72
N LEU B 216 11.14 19.24 8.44
CA LEU B 216 11.94 20.02 9.38
C LEU B 216 11.12 20.38 10.62
N ALA B 217 9.85 20.72 10.42
CA ALA B 217 8.91 20.89 11.53
C ALA B 217 8.91 19.67 12.46
N PHE B 218 8.65 18.50 11.88
CA PHE B 218 8.62 17.22 12.61
C PHE B 218 9.92 16.93 13.35
N LEU B 219 11.05 17.05 12.64
CA LEU B 219 12.39 16.80 13.19
C LEU B 219 12.72 17.66 14.40
N VAL B 220 12.35 18.94 14.36
CA VAL B 220 12.54 19.85 15.50
C VAL B 220 11.66 19.38 16.66
N GLY B 221 10.40 19.02 16.34
CA GLY B 221 9.47 18.39 17.30
C GLY B 221 9.99 17.15 18.03
N THR B 222 10.82 16.34 17.36
CA THR B 222 11.44 15.16 18.02
C THR B 222 12.42 15.54 19.14
N LEU B 223 12.99 16.74 19.08
CA LEU B 223 13.92 17.24 20.10
C LEU B 223 13.24 17.45 21.46
N THR B 224 11.91 17.59 21.45
CA THR B 224 11.07 17.78 22.62
C THR B 224 10.16 16.55 22.84
N TYR B 225 10.59 15.36 22.42
CA TYR B 225 9.74 14.16 22.41
C TYR B 225 9.63 13.56 23.81
N ARG B 226 8.42 13.14 24.20
CA ARG B 226 8.19 12.43 25.47
C ARG B 226 6.90 11.62 25.46
N SER B 227 7.03 10.31 25.42
CA SER B 227 5.88 9.39 25.48
C SER B 227 6.28 8.15 26.33
N GLN B 228 5.27 7.31 26.57
CA GLN B 228 5.18 6.43 27.77
C GLN B 228 6.44 5.67 28.27
N THR B 229 7.37 5.33 27.37
CA THR B 229 8.59 4.64 27.76
C THR B 229 9.77 5.57 28.09
N ASN B 230 10.61 5.10 29.01
CA ASN B 230 11.73 5.90 29.58
C ASN B 230 13.01 5.88 28.75
N THR B 231 13.01 6.49 27.56
CA THR B 231 14.15 6.40 26.63
C THR B 231 14.41 7.71 25.91
N LEU B 232 15.67 7.94 25.56
CA LEU B 232 16.10 9.17 24.86
C LEU B 232 16.40 8.96 23.37
N ALA B 233 16.08 7.79 22.83
CA ALA B 233 16.54 7.41 21.49
C ALA B 233 15.90 8.20 20.34
N ILE B 234 14.66 8.68 20.53
CA ILE B 234 13.99 9.52 19.53
C ILE B 234 14.65 10.90 19.41
N ILE B 235 14.95 11.50 20.58
CA ILE B 235 15.64 12.79 20.66
C ILE B 235 17.06 12.66 20.11
N GLU B 236 17.76 11.57 20.45
CA GLU B 236 19.11 11.30 19.95
C GLU B 236 19.17 11.07 18.44
N SER B 237 18.11 10.48 17.88
CA SER B 237 18.08 10.13 16.46
C SER B 237 17.65 11.31 15.61
N GLY B 238 16.47 11.86 15.91
CA GLY B 238 15.97 13.08 15.27
C GLY B 238 16.92 14.25 15.35
N GLY B 239 17.59 14.39 16.50
CA GLY B 239 18.64 15.39 16.68
C GLY B 239 19.87 15.11 15.85
N GLY B 240 20.24 13.84 15.71
CA GLY B 240 21.38 13.42 14.89
C GLY B 240 21.13 13.57 13.40
N ILE B 241 19.89 13.37 12.97
CA ILE B 241 19.47 13.63 11.59
C ILE B 241 19.65 15.12 11.32
N LEU B 242 19.05 15.92 12.20
CA LEU B 242 19.11 17.39 12.14
C LEU B 242 20.53 17.92 12.10
N ARG B 243 21.41 17.36 12.92
CA ARG B 243 22.82 17.73 12.92
C ARG B 243 23.49 17.46 11.57
N ASN B 244 23.08 16.39 10.90
CA ASN B 244 23.69 16.01 9.62
C ASN B 244 23.17 16.86 8.48
N VAL B 245 21.87 17.13 8.48
CA VAL B 245 21.27 18.00 7.47
C VAL B 245 21.57 19.50 7.69
N SER B 246 21.94 19.88 8.91
CA SER B 246 22.15 21.30 9.24
C SER B 246 23.16 22.02 8.35
N SER B 247 24.14 21.30 7.79
CA SER B 247 25.02 21.91 6.79
C SER B 247 24.22 22.52 5.64
N LEU B 248 23.22 21.78 5.15
CA LEU B 248 22.33 22.29 4.11
C LEU B 248 21.41 23.44 4.58
N ILE B 249 20.89 23.32 5.81
CA ILE B 249 19.96 24.33 6.38
C ILE B 249 20.65 25.69 6.59
N ALA B 250 21.85 25.65 7.15
CA ALA B 250 22.72 26.83 7.34
C ALA B 250 22.59 27.83 6.19
N THR B 251 22.72 27.33 4.96
CA THR B 251 22.74 28.16 3.75
C THR B 251 21.35 28.32 3.08
N ASN B 252 20.27 28.14 3.82
CA ASN B 252 18.91 28.31 3.29
C ASN B 252 17.97 28.96 4.32
N GLU B 253 17.45 30.15 3.97
CA GLU B 253 16.68 30.97 4.89
C GLU B 253 15.25 30.45 5.11
N ASP B 254 14.59 30.00 4.05
CA ASP B 254 13.27 29.35 4.18
C ASP B 254 13.28 28.24 5.22
N HIS B 255 14.37 27.46 5.21
CA HIS B 255 14.53 26.33 6.14
C HIS B 255 14.86 26.82 7.55
N ARG B 256 15.93 27.61 7.69
CA ARG B 256 16.23 28.35 8.94
C ARG B 256 14.99 28.94 9.61
N GLN B 257 14.11 29.53 8.79
CA GLN B 257 12.86 30.11 9.28
C GLN B 257 11.95 29.07 9.95
N ILE B 258 11.87 27.86 9.38
CA ILE B 258 11.02 26.80 9.94
C ILE B 258 11.52 26.33 11.32
N LEU B 259 12.84 26.31 11.51
CA LEU B 259 13.45 26.02 12.82
C LEU B 259 13.05 27.07 13.86
N ARG B 260 13.30 28.34 13.52
CA ARG B 260 12.95 29.47 14.38
C ARG B 260 11.51 29.43 14.88
N GLU B 261 10.54 29.30 13.96
CA GLU B 261 9.12 29.28 14.36
C GLU B 261 8.67 28.06 15.18
N ASN B 262 9.56 27.07 15.36
CA ASN B 262 9.40 25.95 16.30
C ASN B 262 10.37 25.99 17.51
N ASN B 263 10.99 27.15 17.73
CA ASN B 263 11.92 27.37 18.85
C ASN B 263 13.10 26.40 18.90
N CYS B 264 13.65 26.11 17.72
CA CYS B 264 14.74 25.15 17.61
C CYS B 264 15.95 25.55 18.46
N LEU B 265 16.47 26.75 18.22
CA LEU B 265 17.72 27.20 18.84
C LEU B 265 17.62 27.29 20.36
N GLN B 266 16.42 27.66 20.85
CA GLN B 266 16.12 27.63 22.29
C GLN B 266 16.28 26.21 22.83
N THR B 267 15.55 25.26 22.25
CA THR B 267 15.64 23.85 22.60
C THR B 267 17.08 23.32 22.50
N LEU B 268 17.74 23.57 21.38
CA LEU B 268 19.14 23.15 21.16
C LEU B 268 20.13 23.59 22.24
N LEU B 269 19.86 24.71 22.92
CA LEU B 269 20.72 25.15 24.02
C LEU B 269 20.50 24.34 25.29
N GLN B 270 19.25 24.01 25.59
CA GLN B 270 18.93 23.09 26.69
C GLN B 270 19.57 21.70 26.54
N HIS B 271 19.72 21.25 25.30
CA HIS B 271 20.44 20.00 25.00
C HIS B 271 21.92 20.00 25.40
N LEU B 272 22.53 21.18 25.55
CA LEU B 272 23.93 21.26 26.00
C LEU B 272 24.07 20.84 27.47
N LYS B 273 23.01 21.05 28.26
CA LYS B 273 22.93 20.53 29.63
C LYS B 273 22.86 19.01 29.64
N SER B 274 22.10 18.45 28.69
CA SER B 274 21.58 17.09 28.77
C SER B 274 22.60 16.01 29.16
N HIS B 275 22.05 14.99 29.81
CA HIS B 275 22.77 13.91 30.49
C HIS B 275 23.47 13.00 29.47
N SER B 276 22.84 12.82 28.31
CA SER B 276 23.33 11.94 27.25
C SER B 276 24.38 12.63 26.38
N LEU B 277 25.60 12.08 26.37
CA LEU B 277 26.72 12.62 25.58
C LEU B 277 26.41 12.76 24.08
N THR B 278 25.51 11.91 23.59
CA THR B 278 25.03 11.96 22.21
C THR B 278 24.23 13.24 21.96
N ILE B 279 23.21 13.50 22.79
CA ILE B 279 22.36 14.68 22.63
C ILE B 279 23.19 15.97 22.60
N VAL B 280 24.24 16.01 23.43
CA VAL B 280 25.17 17.15 23.44
C VAL B 280 25.92 17.23 22.11
N SER B 281 26.64 16.16 21.75
CA SER B 281 27.38 16.09 20.46
C SER B 281 26.53 16.50 19.25
N ASN B 282 25.27 16.08 19.23
CA ASN B 282 24.34 16.46 18.17
C ASN B 282 24.08 17.95 18.18
N ALA B 283 23.66 18.47 19.34
CA ALA B 283 23.41 19.91 19.51
C ALA B 283 24.65 20.79 19.25
N CYS B 284 25.84 20.30 19.61
CA CYS B 284 27.09 21.02 19.32
C CYS B 284 27.37 21.15 17.83
N GLY B 285 27.24 20.05 17.09
CA GLY B 285 27.43 20.05 15.64
C GLY B 285 26.35 20.79 14.85
N THR B 286 25.11 20.80 15.37
CA THR B 286 24.01 21.54 14.76
C THR B 286 24.26 23.05 14.83
N LEU B 287 24.63 23.51 16.03
CA LEU B 287 24.93 24.91 16.30
C LEU B 287 26.17 25.39 15.55
N TRP B 288 27.18 24.54 15.42
CA TRP B 288 28.37 24.83 14.59
C TRP B 288 27.95 25.35 13.20
N ASN B 289 26.98 24.69 12.56
CA ASN B 289 26.52 25.11 11.22
C ASN B 289 25.48 26.25 11.22
N LEU B 290 24.58 26.26 12.21
CA LEU B 290 23.58 27.34 12.34
C LEU B 290 24.13 28.68 12.88
N SER B 291 25.26 28.64 13.58
CA SER B 291 25.92 29.85 14.07
C SER B 291 26.80 30.51 13.02
N ALA B 292 27.08 29.80 11.91
CA ALA B 292 27.83 30.38 10.80
C ALA B 292 26.95 31.34 10.01
N ARG B 293 27.57 32.42 9.53
CA ARG B 293 27.08 33.25 8.42
C ARG B 293 25.57 33.57 8.30
N ASN B 294 24.92 33.84 9.43
CA ASN B 294 23.53 34.32 9.46
C ASN B 294 23.34 35.28 10.63
N PRO B 295 23.03 36.56 10.34
CA PRO B 295 23.05 37.56 11.41
C PRO B 295 21.94 37.38 12.45
N LYS B 296 20.71 37.08 12.02
CA LYS B 296 19.57 37.00 12.97
C LYS B 296 19.77 35.91 14.01
N ASP B 297 20.11 34.70 13.53
CA ASP B 297 20.35 33.56 14.42
C ASP B 297 21.62 33.76 15.27
N GLN B 298 22.69 34.27 14.68
CA GLN B 298 23.90 34.67 15.45
C GLN B 298 23.58 35.49 16.70
N GLU B 299 22.75 36.52 16.52
CA GLU B 299 22.37 37.43 17.61
C GLU B 299 21.41 36.79 18.60
N ALA B 300 20.38 36.10 18.10
CA ALA B 300 19.44 35.37 18.97
C ALA B 300 20.14 34.40 19.92
N LEU B 301 21.28 33.84 19.50
CA LEU B 301 22.12 32.98 20.35
C LEU B 301 22.86 33.73 21.46
N TRP B 302 23.43 34.89 21.13
CA TRP B 302 24.01 35.82 22.12
C TRP B 302 22.96 36.14 23.20
N ASP B 303 21.77 36.56 22.75
CA ASP B 303 20.66 36.96 23.64
C ASP B 303 20.01 35.84 24.49
N MET B 304 20.38 34.58 24.23
CA MET B 304 20.04 33.43 25.08
C MET B 304 21.34 32.84 25.62
N SER B 308 28.46 31.73 27.74
CA SER B 308 28.68 30.98 28.99
C SER B 308 28.51 29.47 28.80
N MET B 309 27.42 29.09 28.13
CA MET B 309 27.05 27.68 27.92
C MET B 309 28.08 26.91 27.10
N LEU B 310 28.50 27.50 25.98
CA LEU B 310 29.54 26.89 25.11
C LEU B 310 30.95 26.95 25.71
N LYS B 311 31.18 27.85 26.66
CA LYS B 311 32.46 27.89 27.38
C LYS B 311 32.68 26.63 28.22
N ASN B 312 31.60 26.11 28.81
CA ASN B 312 31.65 24.87 29.63
C ASN B 312 32.29 23.72 28.87
N LEU B 313 31.91 23.59 27.61
CA LEU B 313 32.16 22.38 26.84
C LEU B 313 33.49 22.35 26.08
N ILE B 314 34.11 23.51 25.80
CA ILE B 314 35.36 23.59 25.00
C ILE B 314 36.51 22.69 25.50
N HIS B 315 36.60 22.50 26.82
CA HIS B 315 37.56 21.58 27.42
C HIS B 315 36.83 20.32 27.89
N SER B 316 36.44 19.51 26.91
CA SER B 316 35.88 18.18 27.14
C SER B 316 36.83 17.17 26.47
N LYS B 317 36.95 15.99 27.08
CA LYS B 317 37.69 14.84 26.50
C LYS B 317 37.11 14.35 25.15
N HIS B 318 35.79 14.54 24.97
CA HIS B 318 35.07 14.05 23.79
C HIS B 318 35.21 15.02 22.62
N LYS B 319 35.93 14.56 21.58
CA LYS B 319 36.41 15.44 20.51
C LYS B 319 35.30 16.19 19.79
N MET B 320 34.21 15.49 19.47
CA MET B 320 33.04 16.10 18.80
C MET B 320 32.36 17.20 19.65
N ILE B 321 32.45 17.09 20.98
CA ILE B 321 31.94 18.14 21.86
C ILE B 321 32.92 19.32 21.90
N ALA B 322 34.22 19.02 22.03
CA ALA B 322 35.28 20.04 22.08
C ALA B 322 35.33 20.91 20.82
N MET B 323 35.39 20.26 19.66
CA MET B 323 35.40 20.94 18.34
C MET B 323 34.13 21.74 18.07
N GLY B 324 32.99 21.07 18.20
CA GLY B 324 31.69 21.65 17.88
C GLY B 324 31.34 22.88 18.71
N SER B 325 31.65 22.84 20.01
CA SER B 325 31.40 23.97 20.90
C SER B 325 32.37 25.14 20.68
N ALA B 326 33.62 24.82 20.32
CA ALA B 326 34.68 25.82 20.08
C ALA B 326 34.49 26.66 18.81
N ALA B 327 34.31 26.01 17.66
CA ALA B 327 34.15 26.72 16.39
C ALA B 327 32.74 27.25 16.24
C ACE C 1 -11.24 -5.60 0.22
O ACE C 1 -10.75 -6.57 0.76
CH3 ACE C 1 -11.49 -4.33 1.00
N ALA C 2 -11.46 -5.52 -1.10
CA ALA C 2 -10.95 -6.51 -2.05
C ALA C 2 -9.40 -6.47 -2.29
N GLY C 3 -8.69 -5.45 -1.82
CA GLY C 3 -7.28 -5.29 -2.17
C GLY C 3 -7.07 -4.93 -3.64
N GLU C 4 -5.79 -4.86 -4.01
CA GLU C 4 -5.37 -4.59 -5.42
C GLU C 4 -4.90 -5.87 -6.07
N ALA C 5 -4.89 -5.88 -7.40
CA ALA C 5 -4.49 -7.07 -8.15
C ALA C 5 -3.93 -6.71 -9.52
N LEU C 6 -3.17 -7.64 -10.12
CA LEU C 6 -2.80 -7.56 -11.55
C LEU C 6 -4.00 -7.90 -12.41
N ALA C 7 -3.90 -7.57 -13.69
CA ALA C 7 -4.95 -7.87 -14.66
C ALA C 7 -5.07 -9.37 -14.91
N ASP C 8 -6.28 -9.87 -15.14
CA ASP C 8 -6.49 -11.30 -15.40
C ASP C 8 -6.15 -11.52 -16.85
N NH2 C 9 -5.17 -12.50 -17.17
C ACE D 1 24.51 6.99 13.74
O ACE D 1 24.85 7.23 14.89
CH3 ACE D 1 25.13 7.76 12.58
N ALA D 2 23.58 6.05 13.42
CA ALA D 2 22.86 5.22 14.39
C ALA D 2 23.36 3.76 14.46
N GLY D 3 24.23 3.35 13.53
CA GLY D 3 24.83 2.02 13.56
C GLY D 3 23.95 0.89 13.03
N GLU D 4 24.56 -0.25 12.76
CA GLU D 4 23.81 -1.48 12.43
C GLU D 4 23.26 -2.12 13.69
N ALA D 5 22.36 -3.10 13.52
CA ALA D 5 21.69 -3.81 14.63
C ALA D 5 20.81 -4.95 14.13
N LEU D 6 20.78 -6.05 14.89
CA LEU D 6 19.79 -7.12 14.67
C LEU D 6 18.36 -6.64 14.78
N ALA D 7 17.43 -7.53 14.46
CA ALA D 7 16.02 -7.23 14.64
C ALA D 7 15.71 -7.42 16.11
N ASP D 8 14.46 -7.25 16.49
CA ASP D 8 14.01 -7.50 17.86
C ASP D 8 12.62 -8.09 17.86
N NH2 D 9 12.35 -9.14 18.77
C1 PGE E . 13.39 -2.38 -23.18
O1 PGE E . 12.81 -1.39 -22.32
C2 PGE E . 14.58 -1.70 -23.86
O2 PGE E . 15.49 -2.63 -24.48
C3 PGE E . 16.67 -1.98 -24.94
C4 PGE E . 17.95 -2.54 -24.35
O4 PGE E . 20.29 -4.28 -25.39
C6 PGE E . 19.35 -5.37 -25.38
C5 PGE E . 17.95 -4.76 -25.33
O3 PGE E . 17.85 -3.95 -24.16
#